data_8VZD
#
_entry.id   8VZD
#
_cell.length_a   100.173
_cell.length_b   182.511
_cell.length_c   123.920
_cell.angle_alpha   90.000
_cell.angle_beta   90.000
_cell.angle_gamma   90.000
#
_symmetry.space_group_name_H-M   'C 2 2 21'
#
loop_
_entity.id
_entity.type
_entity.pdbx_description
1 polymer '2-Hydroxyacyl-CoA Lyase/Synthase TbHACS'
2 non-polymer 'THIAMINE DIPHOSPHATE'
3 non-polymer 'S-{(9R,13S,15R)-17-[(2R,3S,4R,5R)-5-(6-AMINO-9H-PURIN-9-YL)-4-HYDROXY-3-(PHOSPHONOOXY)TETRAHYDROFURAN-2-YL]-9,13,15-TRIHYDROXY-10,10-DIMETHYL-13,15-DIOXIDO-4,8-DIOXO-12,14,16-TRIOXA-3,7-DIAZA-13,15-DIPHOSPHAHEPTADEC-1-YL} THIOFORMATE'
4 non-polymer 'CALCIUM ION'
5 non-polymer "ADENOSINE-5'-DIPHOSPHATE"
6 non-polymer 1,2-ETHANEDIOL
7 non-polymer DI(HYDROXYETHYL)ETHER
8 water water
#
_entity_poly.entity_id   1
_entity_poly.type   'polypeptide(L)'
_entity_poly.pdbx_seq_one_letter_code
;MATITGAQIVARALKQQGVEHMFGIVGIPVIPIAAAAQREGIKFYGFHNEQSASYAAGAVGYLTGRPGVCLAVSGPGMIH
GIAGLANAWSNNWPMILIGGANDSYQNGQGAFQEAPQIESARPYVKYAARPDSIARLPFYVEQAVRTTIYGRPGAAYLDL
PGDIISGSVEEAEVTYPGRCPEPPRTLAPEENIKAALAALKTAERPLVIVGKGAAYSRAEDEVRKFVETTGLPYLASPMG
KGVIPDDHPQSIAAARSFALQNTDLVVLMGARMNWMMHFGQPPRWNEKVRVIQMDISAEEIGTNVPTEVALVGDAKAITA
QLNAELEKNPWSYPSETTWWTGLQSKIAANAATVEPMFNDDSVPMGYYRVLRDIRDLIPKDAIISNEGASTMDIGRTVLP
NFFARTRLDAATFGTMGVGAGQAIAAASVHPDRKIICVQGDSAFGFGGMEVETAARYGLNITFVIINNNGIGGGPDELDP
AHIPPGAYTPQAHYEKMADVYGGKGYFVTTPDQLKPVLEEAMAQPKPAIVNIMISNKSGRKPQEFGWLTR
;
_entity_poly.pdbx_strand_id   A,B
#
loop_
_chem_comp.id
_chem_comp.type
_chem_comp.name
_chem_comp.formula
ADP non-polymer ADENOSINE-5'-DIPHOSPHATE 'C10 H15 N5 O10 P2'
CA non-polymer 'CALCIUM ION' 'Ca 2'
EDO non-polymer 1,2-ETHANEDIOL 'C2 H6 O2'
FYN non-polymer 'S-{(9R,13S,15R)-17-[(2R,3S,4R,5R)-5-(6-AMINO-9H-PURIN-9-YL)-4-HYDROXY-3-(PHOSPHONOOXY)TETRAHYDROFURAN-2-YL]-9,13,15-TRIHYDROXY-10,10-DIMETHYL-13,15-DIOXIDO-4,8-DIOXO-12,14,16-TRIOXA-3,7-DIAZA-13,15-DIPHOSPHAHEPTADEC-1-YL} THIOFORMATE' 'C22 H36 N7 O17 P3 S'
PEG non-polymer DI(HYDROXYETHYL)ETHER 'C4 H10 O3'
TPP non-polymer 'THIAMINE DIPHOSPHATE' 'C12 H19 N4 O7 P2 S 1'
#
# COMPACT_ATOMS: atom_id res chain seq x y z
N MET A 1 23.31 -31.55 14.51
CA MET A 1 24.58 -31.62 13.80
C MET A 1 25.32 -30.29 13.84
N ALA A 2 25.68 -29.78 12.67
CA ALA A 2 26.44 -28.53 12.59
C ALA A 2 25.56 -27.33 12.93
N THR A 3 26.18 -26.31 13.51
CA THR A 3 25.49 -25.08 13.87
C THR A 3 25.79 -23.99 12.85
N ILE A 4 25.06 -22.88 12.99
CA ILE A 4 25.20 -21.75 12.07
C ILE A 4 24.76 -20.49 12.81
N THR A 5 25.47 -19.40 12.55
CA THR A 5 25.16 -18.14 13.21
C THR A 5 24.08 -17.38 12.46
N GLY A 6 23.45 -16.43 13.17
CA GLY A 6 22.45 -15.60 12.53
C GLY A 6 23.01 -14.79 11.38
N ALA A 7 24.25 -14.35 11.48
CA ALA A 7 24.88 -13.62 10.40
C ALA A 7 25.03 -14.49 9.15
N GLN A 8 25.42 -15.75 9.34
CA GLN A 8 25.53 -16.66 8.20
C GLN A 8 24.16 -17.02 7.65
N ILE A 9 23.14 -17.07 8.50
CA ILE A 9 21.78 -17.32 8.01
C ILE A 9 21.28 -16.15 7.20
N VAL A 10 21.50 -14.93 7.69
CA VAL A 10 21.07 -13.73 6.96
C VAL A 10 21.79 -13.65 5.61
N ALA A 11 23.10 -13.91 5.60
CA ALA A 11 23.86 -13.83 4.36
C ALA A 11 23.39 -14.89 3.36
N ARG A 12 23.12 -16.10 3.83
CA ARG A 12 22.63 -17.16 2.94
C ARG A 12 21.24 -16.82 2.42
N ALA A 13 20.37 -16.32 3.28
CA ALA A 13 19.02 -15.96 2.85
C ALA A 13 19.05 -14.82 1.83
N LEU A 14 19.88 -13.81 2.07
CA LEU A 14 20.01 -12.71 1.12
C LEU A 14 20.50 -13.22 -0.23
N LYS A 15 21.47 -14.13 -0.23
CA LYS A 15 21.98 -14.67 -1.48
C LYS A 15 20.90 -15.45 -2.23
N GLN A 16 20.11 -16.24 -1.49
CA GLN A 16 19.04 -17.00 -2.12
C GLN A 16 18.00 -16.07 -2.75
N GLN A 17 17.72 -14.94 -2.11
CA GLN A 17 16.73 -13.99 -2.60
C GLN A 17 17.25 -13.12 -3.73
N GLY A 18 18.45 -13.38 -4.23
CA GLY A 18 18.98 -12.66 -5.37
C GLY A 18 19.82 -11.44 -5.06
N VAL A 19 20.18 -11.23 -3.80
CA VAL A 19 20.98 -10.07 -3.44
C VAL A 19 22.44 -10.34 -3.80
N GLU A 20 22.99 -9.50 -4.67
CA GLU A 20 24.39 -9.60 -5.08
C GLU A 20 25.27 -8.50 -4.53
N HIS A 21 24.70 -7.38 -4.09
CA HIS A 21 25.46 -6.24 -3.64
C HIS A 21 24.98 -5.78 -2.27
N MET A 22 25.91 -5.31 -1.45
CA MET A 22 25.61 -4.80 -0.12
C MET A 22 26.50 -3.59 0.14
N PHE A 23 25.89 -2.45 0.41
CA PHE A 23 26.61 -1.20 0.67
C PHE A 23 26.42 -0.79 2.12
N GLY A 24 27.49 -0.30 2.73
CA GLY A 24 27.39 0.19 4.09
C GLY A 24 28.75 0.28 4.76
N ILE A 25 28.71 0.43 6.08
CA ILE A 25 29.90 0.55 6.92
C ILE A 25 29.76 -0.42 8.08
N VAL A 26 30.85 -1.11 8.41
CA VAL A 26 30.81 -2.16 9.42
C VAL A 26 31.10 -1.60 10.80
N GLY A 27 30.96 -2.43 11.81
CA GLY A 27 31.08 -2.02 13.19
C GLY A 27 30.16 -2.85 14.05
N ILE A 28 30.20 -2.58 15.34
CA ILE A 28 29.34 -3.32 16.27
C ILE A 28 27.88 -3.03 15.94
N PRO A 29 27.02 -4.05 15.81
CA PRO A 29 27.31 -5.49 15.90
C PRO A 29 27.22 -6.20 14.56
N VAL A 30 27.40 -5.51 13.43
CA VAL A 30 27.13 -6.08 12.11
C VAL A 30 28.41 -6.49 11.39
N ILE A 31 29.53 -6.59 12.10
CA ILE A 31 30.77 -7.04 11.46
C ILE A 31 30.64 -8.43 10.85
N PRO A 32 30.13 -9.44 11.56
CA PRO A 32 30.03 -10.78 10.93
C PRO A 32 29.04 -10.85 9.78
N ILE A 33 28.10 -9.91 9.68
CA ILE A 33 27.15 -9.93 8.56
C ILE A 33 27.87 -9.65 7.25
N ALA A 34 28.70 -8.59 7.23
CA ALA A 34 29.46 -8.28 6.03
C ALA A 34 30.48 -9.38 5.73
N ALA A 35 31.05 -9.99 6.76
CA ALA A 35 31.99 -11.08 6.55
C ALA A 35 31.30 -12.29 5.95
N ALA A 36 30.16 -12.68 6.51
CA ALA A 36 29.41 -13.82 5.97
C ALA A 36 28.86 -13.52 4.58
N ALA A 37 28.52 -12.27 4.30
CA ALA A 37 28.04 -11.91 2.97
C ALA A 37 29.12 -12.10 1.92
N GLN A 38 30.35 -11.67 2.21
CA GLN A 38 31.46 -11.90 1.30
C GLN A 38 31.75 -13.39 1.15
N ARG A 39 31.53 -14.17 2.21
CA ARG A 39 31.73 -15.61 2.13
C ARG A 39 30.72 -16.26 1.17
N GLU A 40 29.54 -15.66 1.02
CA GLU A 40 28.50 -16.21 0.17
C GLU A 40 28.59 -15.75 -1.28
N GLY A 41 29.51 -14.83 -1.59
CA GLY A 41 29.60 -14.27 -2.92
C GLY A 41 28.96 -12.91 -3.08
N ILE A 42 28.39 -12.35 -2.03
CA ILE A 42 27.82 -11.01 -2.08
C ILE A 42 28.94 -9.99 -1.99
N LYS A 43 29.03 -9.11 -2.97
CA LYS A 43 30.06 -8.09 -3.00
C LYS A 43 29.68 -6.95 -2.05
N PHE A 44 30.52 -6.71 -1.05
CA PHE A 44 30.29 -5.66 -0.06
C PHE A 44 31.15 -4.44 -0.38
N TYR A 45 30.56 -3.26 -0.26
CA TYR A 45 31.24 -2.00 -0.53
C TYR A 45 31.26 -1.18 0.76
N GLY A 46 32.46 -0.92 1.26
CA GLY A 46 32.62 -0.09 2.44
C GLY A 46 32.65 1.39 2.11
N PHE A 47 31.58 2.11 2.46
CA PHE A 47 31.48 3.53 2.18
C PHE A 47 32.12 4.34 3.31
N HIS A 48 32.16 5.66 3.12
CA HIS A 48 32.63 6.56 4.16
C HIS A 48 31.50 7.15 5.00
N ASN A 49 30.26 7.07 4.53
CA ASN A 49 29.10 7.51 5.30
C ASN A 49 27.90 6.66 4.87
N GLU A 50 27.14 6.18 5.85
CA GLU A 50 25.97 5.36 5.54
C GLU A 50 24.93 6.13 4.74
N GLN A 51 24.92 7.46 4.88
CA GLN A 51 23.99 8.28 4.13
C GLN A 51 24.14 8.07 2.63
N SER A 52 25.38 8.13 2.14
CA SER A 52 25.63 7.86 0.73
C SER A 52 25.43 6.39 0.39
N ALA A 53 25.72 5.50 1.34
CA ALA A 53 25.54 4.06 1.09
C ALA A 53 24.06 3.71 0.97
N SER A 54 23.21 4.37 1.77
CA SER A 54 21.78 4.11 1.70
C SER A 54 21.17 4.64 0.41
N TYR A 55 21.67 5.78 -0.09
CA TYR A 55 21.24 6.27 -1.38
C TYR A 55 21.64 5.32 -2.50
N ALA A 56 22.80 4.68 -2.36
CA ALA A 56 23.25 3.74 -3.39
C ALA A 56 22.36 2.51 -3.44
N ALA A 57 21.86 2.06 -2.27
CA ALA A 57 21.02 0.88 -2.24
C ALA A 57 19.71 1.11 -2.98
N GLY A 58 19.11 2.30 -2.82
CA GLY A 58 17.89 2.61 -3.53
C GLY A 58 18.08 2.72 -5.03
N ALA A 59 19.25 3.20 -5.47
CA ALA A 59 19.51 3.28 -6.90
C ALA A 59 19.63 1.89 -7.51
N VAL A 60 20.21 0.94 -6.77
CA VAL A 60 20.28 -0.44 -7.24
C VAL A 60 18.87 -1.00 -7.42
N GLY A 61 17.94 -0.64 -6.53
CA GLY A 61 16.58 -1.09 -6.67
C GLY A 61 15.91 -0.59 -7.92
N TYR A 62 16.17 0.67 -8.29
CA TYR A 62 15.61 1.20 -9.52
C TYR A 62 16.22 0.55 -10.76
N LEU A 63 17.53 0.30 -10.73
CA LEU A 63 18.22 -0.21 -11.91
C LEU A 63 17.93 -1.69 -12.16
N THR A 64 17.62 -2.45 -11.11
CA THR A 64 17.50 -3.90 -11.24
C THR A 64 16.08 -4.44 -11.03
N GLY A 65 15.19 -3.66 -10.42
CA GLY A 65 13.93 -4.22 -10.01
C GLY A 65 14.01 -5.17 -8.83
N ARG A 66 15.15 -5.19 -8.15
CA ARG A 66 15.41 -6.00 -6.97
C ARG A 66 15.98 -5.10 -5.88
N PRO A 67 15.63 -5.36 -4.62
CA PRO A 67 16.00 -4.41 -3.55
C PRO A 67 17.50 -4.34 -3.36
N GLY A 68 18.03 -3.12 -3.34
CA GLY A 68 19.40 -2.90 -2.92
C GLY A 68 19.49 -2.90 -1.40
N VAL A 69 20.55 -3.50 -0.88
CA VAL A 69 20.69 -3.74 0.55
C VAL A 69 21.72 -2.78 1.12
N CYS A 70 21.37 -2.11 2.22
CA CYS A 70 22.26 -1.24 2.95
C CYS A 70 22.46 -1.81 4.34
N LEU A 71 23.72 -1.94 4.76
CA LEU A 71 24.08 -2.50 6.06
C LEU A 71 24.59 -1.37 6.96
N ALA A 72 23.96 -1.21 8.12
CA ALA A 72 24.32 -0.14 9.04
C ALA A 72 24.44 -0.70 10.45
N VAL A 73 25.29 -0.06 11.24
CA VAL A 73 25.47 -0.43 12.64
C VAL A 73 24.30 0.10 13.46
N SER A 74 24.30 -0.19 14.76
CA SER A 74 23.22 0.26 15.62
C SER A 74 23.28 1.78 15.82
N GLY A 75 22.15 2.32 16.26
CA GLY A 75 22.07 3.72 16.62
C GLY A 75 22.31 4.67 15.47
N PRO A 76 23.37 5.47 15.57
CA PRO A 76 23.61 6.51 14.56
C PRO A 76 23.89 5.96 13.17
N GLY A 77 24.40 4.72 13.07
CA GLY A 77 24.60 4.14 11.75
C GLY A 77 23.29 3.91 11.02
N MET A 78 22.29 3.36 11.71
CA MET A 78 20.99 3.18 11.10
C MET A 78 20.31 4.51 10.81
N ILE A 79 20.48 5.48 11.72
CA ILE A 79 19.83 6.78 11.54
C ILE A 79 20.41 7.52 10.34
N HIS A 80 21.71 7.37 10.09
CA HIS A 80 22.30 7.91 8.88
C HIS A 80 21.65 7.33 7.63
N GLY A 81 21.29 6.04 7.69
CA GLY A 81 20.70 5.35 6.56
C GLY A 81 19.24 5.63 6.31
N ILE A 82 18.57 6.35 7.22
CA ILE A 82 17.17 6.70 7.01
C ILE A 82 17.03 7.60 5.78
N ALA A 83 18.06 8.39 5.46
CA ALA A 83 18.03 9.22 4.27
C ALA A 83 17.76 8.39 3.02
N GLY A 84 18.40 7.23 2.91
CA GLY A 84 18.16 6.37 1.76
C GLY A 84 16.77 5.75 1.79
N LEU A 85 16.29 5.41 2.99
CA LEU A 85 14.92 4.90 3.11
C LEU A 85 13.92 5.93 2.61
N ALA A 86 14.10 7.19 3.01
CA ALA A 86 13.18 8.25 2.59
C ALA A 86 13.27 8.50 1.09
N ASN A 87 14.47 8.39 0.52
CA ASN A 87 14.62 8.62 -0.92
C ASN A 87 13.97 7.50 -1.72
N ALA A 88 14.11 6.25 -1.25
CA ALA A 88 13.39 5.15 -1.89
C ALA A 88 11.88 5.27 -1.67
N TRP A 89 11.47 5.81 -0.52
CA TRP A 89 10.06 6.05 -0.28
C TRP A 89 9.49 7.08 -1.24
N SER A 90 10.25 8.15 -1.51
CA SER A 90 9.75 9.20 -2.38
C SER A 90 9.67 8.76 -3.83
N ASN A 91 10.58 7.88 -4.26
CA ASN A 91 10.64 7.45 -5.65
C ASN A 91 10.03 6.07 -5.88
N ASN A 92 9.51 5.43 -4.84
CA ASN A 92 8.96 4.08 -4.93
C ASN A 92 9.99 3.11 -5.51
N TRP A 93 11.17 3.06 -4.88
CA TRP A 93 12.24 2.18 -5.27
C TRP A 93 12.43 1.08 -4.22
N PRO A 94 12.74 -0.15 -4.63
CA PRO A 94 12.92 -1.24 -3.66
C PRO A 94 14.30 -1.18 -3.02
N MET A 95 14.34 -1.26 -1.70
CA MET A 95 15.61 -1.33 -0.97
C MET A 95 15.34 -1.85 0.43
N ILE A 96 16.37 -2.43 1.03
CA ILE A 96 16.32 -2.92 2.40
C ILE A 96 17.47 -2.30 3.17
N LEU A 97 17.17 -1.66 4.29
CA LEU A 97 18.17 -1.21 5.24
C LEU A 97 18.25 -2.24 6.36
N ILE A 98 19.40 -2.87 6.51
CA ILE A 98 19.64 -3.83 7.58
C ILE A 98 20.44 -3.10 8.66
N GLY A 99 19.77 -2.75 9.75
CA GLY A 99 20.39 -2.02 10.84
C GLY A 99 20.57 -2.90 12.06
N GLY A 100 21.79 -2.90 12.59
CA GLY A 100 22.06 -3.61 13.82
C GLY A 100 21.38 -2.95 15.00
N ALA A 101 21.31 -3.70 16.10
CA ALA A 101 20.72 -3.20 17.34
C ALA A 101 21.46 -3.80 18.52
N ASN A 102 21.35 -3.12 19.65
CA ASN A 102 21.97 -3.61 20.87
C ASN A 102 21.39 -4.96 21.27
N ASP A 103 22.13 -5.69 22.09
CA ASP A 103 21.67 -7.01 22.55
C ASP A 103 20.31 -6.89 23.22
N SER A 104 19.41 -7.82 22.86
CA SER A 104 18.04 -7.74 23.35
C SER A 104 17.97 -7.80 24.87
N TYR A 105 18.84 -8.58 25.49
CA TYR A 105 18.87 -8.67 26.95
C TYR A 105 19.47 -7.43 27.61
N GLN A 106 19.83 -6.41 26.83
CA GLN A 106 20.31 -5.15 27.38
C GLN A 106 19.34 -3.99 27.15
N ASN A 107 18.14 -4.28 26.66
CA ASN A 107 17.15 -3.22 26.48
C ASN A 107 16.76 -2.61 27.82
N GLY A 108 16.58 -1.29 27.82
CA GLY A 108 16.23 -0.57 29.03
C GLY A 108 17.40 -0.24 29.94
N GLN A 109 18.59 -0.75 29.65
CA GLN A 109 19.76 -0.51 30.49
C GLN A 109 20.58 0.68 30.04
N GLY A 110 20.26 1.28 28.90
CA GLY A 110 21.14 2.28 28.31
C GLY A 110 22.27 1.60 27.58
N ALA A 111 21.94 0.56 26.81
CA ALA A 111 22.93 -0.22 26.10
C ALA A 111 23.63 0.63 25.04
N PHE A 112 24.72 0.09 24.51
CA PHE A 112 25.50 0.80 23.49
C PHE A 112 24.67 1.00 22.23
N GLN A 113 24.41 2.27 21.91
CA GLN A 113 23.65 2.65 20.71
C GLN A 113 22.23 2.09 20.75
N GLU A 114 21.62 2.10 21.94
CA GLU A 114 20.21 1.75 22.05
C GLU A 114 19.36 2.89 21.52
N ALA A 115 18.43 2.58 20.61
CA ALA A 115 17.65 3.61 19.95
C ALA A 115 16.35 3.00 19.44
N PRO A 116 15.27 3.78 19.35
CA PRO A 116 14.00 3.28 18.75
C PRO A 116 14.07 3.30 17.23
N GLN A 117 14.76 2.29 16.67
CA GLN A 117 15.09 2.31 15.26
C GLN A 117 13.92 1.87 14.38
N ILE A 118 13.04 0.99 14.88
CA ILE A 118 11.85 0.62 14.12
C ILE A 118 10.96 1.84 13.91
N GLU A 119 10.71 2.58 14.98
CA GLU A 119 9.86 3.78 14.88
C GLU A 119 10.53 4.87 14.05
N SER A 120 11.86 4.91 14.03
CA SER A 120 12.56 5.90 13.23
C SER A 120 12.41 5.62 11.73
N ALA A 121 12.36 4.35 11.35
CA ALA A 121 12.20 3.98 9.95
C ALA A 121 10.75 3.92 9.50
N ARG A 122 9.82 3.83 10.44
CA ARG A 122 8.41 3.58 10.11
C ARG A 122 7.82 4.53 9.08
N PRO A 123 8.02 5.86 9.15
CA PRO A 123 7.32 6.75 8.19
C PRO A 123 7.72 6.55 6.73
N TYR A 124 8.83 5.86 6.45
CA TYR A 124 9.32 5.76 5.08
C TYR A 124 9.43 4.32 4.57
N VAL A 125 8.90 3.34 5.30
CA VAL A 125 9.06 1.95 4.91
C VAL A 125 7.69 1.29 4.74
N LYS A 126 7.63 0.33 3.83
CA LYS A 126 6.46 -0.52 3.70
C LYS A 126 6.46 -1.66 4.71
N TYR A 127 7.60 -1.95 5.33
CA TYR A 127 7.75 -3.13 6.16
C TYR A 127 8.93 -2.91 7.10
N ALA A 128 8.68 -2.97 8.41
CA ALA A 128 9.72 -2.86 9.42
C ALA A 128 9.52 -3.98 10.42
N ALA A 129 10.58 -4.74 10.69
CA ALA A 129 10.46 -5.91 11.55
C ALA A 129 11.78 -6.19 12.26
N ARG A 130 11.67 -6.55 13.54
CA ARG A 130 12.79 -7.14 14.27
C ARG A 130 12.56 -8.65 14.34
N PRO A 131 13.42 -9.46 13.72
CA PRO A 131 13.23 -10.92 13.77
C PRO A 131 13.19 -11.43 15.21
N ASP A 132 12.16 -12.22 15.52
CA ASP A 132 11.96 -12.68 16.89
C ASP A 132 13.01 -13.69 17.32
N SER A 133 13.54 -14.47 16.38
CA SER A 133 14.48 -15.52 16.72
C SER A 133 15.41 -15.77 15.56
N ILE A 134 16.52 -16.47 15.85
CA ILE A 134 17.52 -16.75 14.84
C ILE A 134 16.98 -17.70 13.77
N ALA A 135 16.19 -18.69 14.19
CA ALA A 135 15.72 -19.70 13.25
C ALA A 135 14.75 -19.13 12.21
N ARG A 136 14.03 -18.06 12.55
CA ARG A 136 13.06 -17.46 11.64
C ARG A 136 13.65 -16.34 10.81
N LEU A 137 14.97 -16.16 10.82
CA LEU A 137 15.59 -15.12 10.00
C LEU A 137 15.28 -15.26 8.51
N PRO A 138 15.32 -16.44 7.89
CA PRO A 138 14.97 -16.52 6.47
C PRO A 138 13.54 -16.10 6.18
N PHE A 139 12.62 -16.32 7.13
CA PHE A 139 11.24 -15.88 6.95
C PHE A 139 11.18 -14.36 6.80
N TYR A 140 11.91 -13.63 7.67
CA TYR A 140 11.86 -12.18 7.63
C TYR A 140 12.59 -11.63 6.41
N VAL A 141 13.66 -12.29 5.98
CA VAL A 141 14.41 -11.82 4.82
C VAL A 141 13.56 -11.93 3.56
N GLU A 142 12.92 -13.08 3.36
CA GLU A 142 12.08 -13.26 2.18
C GLU A 142 10.88 -12.35 2.22
N GLN A 143 10.28 -12.15 3.40
CA GLN A 143 9.13 -11.28 3.52
C GLN A 143 9.50 -9.83 3.24
N ALA A 144 10.69 -9.41 3.68
CA ALA A 144 11.14 -8.05 3.41
C ALA A 144 11.41 -7.86 1.91
N VAL A 145 12.10 -8.81 1.29
CA VAL A 145 12.40 -8.71 -0.14
C VAL A 145 11.12 -8.65 -0.95
N ARG A 146 10.18 -9.55 -0.66
CA ARG A 146 8.94 -9.61 -1.45
C ARG A 146 8.12 -8.33 -1.28
N THR A 147 8.12 -7.76 -0.08
CA THR A 147 7.33 -6.54 0.15
C THR A 147 7.93 -5.34 -0.58
N THR A 148 9.24 -5.35 -0.84
CA THR A 148 9.87 -4.21 -1.49
C THR A 148 9.56 -4.18 -2.99
N ILE A 149 9.27 -5.33 -3.60
CA ILE A 149 9.09 -5.41 -5.05
C ILE A 149 7.68 -5.77 -5.46
N TYR A 150 6.84 -6.25 -4.55
CA TYR A 150 5.45 -6.53 -4.88
C TYR A 150 4.58 -5.31 -4.60
N GLY A 151 3.60 -5.08 -5.47
CA GLY A 151 2.79 -3.89 -5.37
C GLY A 151 3.58 -2.65 -5.78
N ARG A 152 3.24 -1.52 -5.18
CA ARG A 152 4.03 -0.32 -5.39
C ARG A 152 5.37 -0.49 -4.68
N PRO A 153 6.49 -0.56 -5.39
CA PRO A 153 7.77 -0.84 -4.73
C PRO A 153 8.13 0.22 -3.71
N GLY A 154 8.87 -0.21 -2.69
CA GLY A 154 9.24 0.69 -1.62
C GLY A 154 10.34 0.12 -0.77
N ALA A 155 10.58 0.76 0.37
CA ALA A 155 11.68 0.43 1.25
C ALA A 155 11.22 -0.46 2.42
N ALA A 156 12.18 -1.14 3.02
CA ALA A 156 11.94 -1.99 4.18
C ALA A 156 13.13 -1.88 5.13
N TYR A 157 12.91 -2.27 6.38
CA TYR A 157 13.94 -2.20 7.40
C TYR A 157 13.93 -3.46 8.25
N LEU A 158 15.11 -4.02 8.50
CA LEU A 158 15.28 -5.19 9.34
C LEU A 158 16.13 -4.80 10.54
N ASP A 159 15.57 -4.99 11.74
CA ASP A 159 16.22 -4.59 12.99
C ASP A 159 16.85 -5.84 13.61
N LEU A 160 18.18 -5.92 13.55
CA LEU A 160 18.89 -7.12 13.99
C LEU A 160 19.64 -6.85 15.29
N PRO A 161 19.17 -7.36 16.43
CA PRO A 161 19.94 -7.25 17.66
C PRO A 161 21.24 -8.03 17.57
N GLY A 162 22.22 -7.61 18.38
CA GLY A 162 23.53 -8.23 18.33
C GLY A 162 23.52 -9.70 18.68
N ASP A 163 22.70 -10.09 19.65
CA ASP A 163 22.63 -11.48 20.05
C ASP A 163 21.98 -12.34 18.98
N ILE A 164 21.10 -11.76 18.16
CA ILE A 164 20.52 -12.50 17.05
C ILE A 164 21.56 -12.69 15.94
N ILE A 165 22.52 -11.77 15.84
CA ILE A 165 23.55 -11.86 14.81
C ILE A 165 24.62 -12.86 15.21
N SER A 166 25.08 -12.79 16.45
CA SER A 166 26.21 -13.61 16.91
C SER A 166 25.78 -14.96 17.47
N GLY A 167 24.51 -15.11 17.85
CA GLY A 167 24.04 -16.40 18.34
C GLY A 167 24.01 -17.46 17.25
N SER A 168 23.88 -18.70 17.69
CA SER A 168 23.92 -19.84 16.79
C SER A 168 22.77 -20.79 17.08
N VAL A 169 22.30 -21.47 16.02
CA VAL A 169 21.34 -22.56 16.12
C VAL A 169 21.81 -23.68 15.21
N GLU A 170 21.25 -24.86 15.42
CA GLU A 170 21.56 -25.98 14.54
C GLU A 170 20.96 -25.74 13.16
N GLU A 171 21.70 -26.18 12.13
CA GLU A 171 21.23 -25.96 10.76
C GLU A 171 19.93 -26.70 10.47
N ALA A 172 19.66 -27.78 11.19
CA ALA A 172 18.51 -28.62 10.88
C ALA A 172 17.19 -27.91 11.17
N GLU A 173 17.18 -26.96 12.10
CA GLU A 173 15.96 -26.27 12.48
C GLU A 173 15.78 -24.95 11.75
N VAL A 174 16.49 -24.74 10.64
CA VAL A 174 16.39 -23.53 9.84
C VAL A 174 15.79 -23.89 8.49
N THR A 175 14.68 -23.23 8.14
CA THR A 175 14.01 -23.42 6.86
C THR A 175 14.23 -22.19 6.00
N TYR A 176 14.66 -22.40 4.76
CA TYR A 176 14.92 -21.30 3.83
C TYR A 176 13.84 -21.28 2.77
N PRO A 177 13.11 -20.18 2.61
CA PRO A 177 12.11 -20.10 1.53
C PRO A 177 12.80 -20.06 0.17
N GLY A 178 12.01 -20.34 -0.86
CA GLY A 178 12.50 -20.22 -2.21
C GLY A 178 12.76 -18.77 -2.59
N ARG A 179 13.53 -18.60 -3.66
CA ARG A 179 13.80 -17.26 -4.17
C ARG A 179 12.50 -16.60 -4.59
N CYS A 180 12.25 -15.41 -4.05
CA CYS A 180 11.04 -14.67 -4.35
C CYS A 180 10.98 -14.36 -5.84
N PRO A 181 10.01 -14.89 -6.57
CA PRO A 181 9.91 -14.59 -8.01
C PRO A 181 9.39 -13.18 -8.24
N GLU A 182 9.58 -12.72 -9.47
CA GLU A 182 9.09 -11.40 -9.83
C GLU A 182 7.56 -11.39 -9.81
N PRO A 183 6.95 -10.29 -9.39
CA PRO A 183 5.49 -10.24 -9.26
C PRO A 183 4.82 -10.31 -10.62
N PRO A 184 3.58 -10.77 -10.69
CA PRO A 184 2.88 -10.84 -11.97
C PRO A 184 2.61 -9.45 -12.54
N ARG A 185 2.78 -9.33 -13.85
CA ARG A 185 2.54 -8.06 -14.53
C ARG A 185 1.04 -7.89 -14.73
N THR A 186 0.45 -6.98 -13.96
CA THR A 186 -1.00 -6.85 -13.89
C THR A 186 -1.56 -6.13 -15.11
N LEU A 187 -2.70 -6.61 -15.59
CA LEU A 187 -3.39 -6.05 -16.74
C LEU A 187 -4.53 -5.12 -16.31
N ALA A 188 -4.90 -4.23 -17.22
CA ALA A 188 -6.08 -3.39 -17.09
C ALA A 188 -7.26 -4.04 -17.78
N PRO A 189 -8.49 -3.68 -17.41
CA PRO A 189 -9.66 -4.23 -18.11
C PRO A 189 -9.62 -3.85 -19.59
N GLU A 190 -10.06 -4.77 -20.44
N GLU A 190 -10.04 -4.80 -20.43
CA GLU A 190 -10.06 -4.50 -21.87
CA GLU A 190 -10.12 -4.56 -21.87
C GLU A 190 -11.01 -3.38 -22.24
C GLU A 190 -10.97 -3.34 -22.19
N GLU A 191 -12.02 -3.12 -21.40
CA GLU A 191 -12.89 -1.96 -21.64
C GLU A 191 -12.13 -0.65 -21.42
N ASN A 192 -11.21 -0.63 -20.45
CA ASN A 192 -10.40 0.56 -20.23
C ASN A 192 -9.36 0.74 -21.33
N ILE A 193 -8.85 -0.36 -21.90
CA ILE A 193 -7.91 -0.26 -23.00
C ILE A 193 -8.58 0.41 -24.21
N LYS A 194 -9.80 -0.03 -24.53
CA LYS A 194 -10.53 0.59 -25.63
C LYS A 194 -10.93 2.03 -25.30
N ALA A 195 -11.30 2.28 -24.04
CA ALA A 195 -11.68 3.64 -23.64
C ALA A 195 -10.50 4.59 -23.74
N ALA A 196 -9.29 4.11 -23.41
CA ALA A 196 -8.12 4.97 -23.50
C ALA A 196 -7.79 5.30 -24.94
N LEU A 197 -7.86 4.31 -25.83
CA LEU A 197 -7.55 4.56 -27.24
C LEU A 197 -8.65 5.36 -27.92
N ALA A 198 -9.92 5.12 -27.55
CA ALA A 198 -11.00 5.91 -28.11
C ALA A 198 -10.91 7.36 -27.68
N ALA A 199 -10.44 7.62 -26.46
CA ALA A 199 -10.28 9.00 -26.01
C ALA A 199 -9.16 9.70 -26.79
N LEU A 200 -8.09 8.97 -27.12
CA LEU A 200 -7.01 9.55 -27.90
C LEU A 200 -7.50 10.06 -29.25
N LYS A 201 -8.43 9.34 -29.87
CA LYS A 201 -8.91 9.70 -31.20
C LYS A 201 -9.82 10.92 -31.18
N THR A 202 -10.22 11.39 -30.00
CA THR A 202 -11.00 12.62 -29.87
C THR A 202 -10.13 13.83 -29.56
N ALA A 203 -8.86 13.63 -29.25
CA ALA A 203 -7.99 14.74 -28.85
C ALA A 203 -7.49 15.50 -30.05
N GLU A 204 -7.49 16.83 -29.95
CA GLU A 204 -6.91 17.68 -30.98
C GLU A 204 -5.45 17.98 -30.73
N ARG A 205 -5.00 17.94 -29.48
CA ARG A 205 -3.62 18.20 -29.11
C ARG A 205 -3.16 17.19 -28.08
N PRO A 206 -3.06 15.92 -28.47
CA PRO A 206 -2.69 14.87 -27.50
C PRO A 206 -1.20 14.89 -27.20
N LEU A 207 -0.86 14.34 -26.04
CA LEU A 207 0.52 14.31 -25.58
C LEU A 207 0.75 13.05 -24.75
N VAL A 208 1.92 12.44 -24.93
CA VAL A 208 2.34 11.27 -24.16
C VAL A 208 3.48 11.68 -23.26
N ILE A 209 3.42 11.29 -21.99
CA ILE A 209 4.47 11.56 -21.02
C ILE A 209 5.02 10.23 -20.54
N VAL A 210 6.34 10.04 -20.70
CA VAL A 210 7.01 8.81 -20.33
C VAL A 210 7.80 9.08 -19.06
N GLY A 211 7.40 8.43 -17.96
CA GLY A 211 8.05 8.60 -16.68
C GLY A 211 8.96 7.43 -16.33
N LYS A 212 9.63 7.55 -15.20
CA LYS A 212 10.54 6.50 -14.75
C LYS A 212 9.82 5.30 -14.17
N GLY A 213 8.50 5.37 -14.02
CA GLY A 213 7.74 4.17 -13.71
C GLY A 213 7.71 3.20 -14.87
N ALA A 214 7.62 3.73 -16.10
CA ALA A 214 7.75 2.88 -17.28
C ALA A 214 9.16 2.34 -17.42
N ALA A 215 10.16 3.11 -17.01
CA ALA A 215 11.54 2.63 -17.02
C ALA A 215 11.74 1.51 -16.01
N TYR A 216 11.18 1.67 -14.81
CA TYR A 216 11.30 0.63 -13.80
C TYR A 216 10.62 -0.66 -14.23
N SER A 217 9.52 -0.55 -14.95
CA SER A 217 8.79 -1.73 -15.41
C SER A 217 9.46 -2.43 -16.57
N ARG A 218 10.64 -1.96 -17.00
CA ARG A 218 11.35 -2.52 -18.17
C ARG A 218 10.45 -2.50 -19.40
N ALA A 219 9.69 -1.42 -19.56
CA ALA A 219 8.66 -1.32 -20.59
C ALA A 219 9.13 -0.52 -21.81
N GLU A 220 10.43 -0.37 -22.01
CA GLU A 220 10.92 0.52 -23.06
C GLU A 220 10.48 0.05 -24.45
N ASP A 221 10.54 -1.26 -24.70
CA ASP A 221 10.20 -1.75 -26.04
C ASP A 221 8.73 -1.54 -26.35
N GLU A 222 7.84 -1.75 -25.37
CA GLU A 222 6.42 -1.53 -25.61
C GLU A 222 6.11 -0.04 -25.70
N VAL A 223 6.78 0.79 -24.90
CA VAL A 223 6.54 2.23 -24.94
C VAL A 223 6.99 2.81 -26.27
N ARG A 224 8.14 2.35 -26.78
N ARG A 224 8.13 2.35 -26.79
CA ARG A 224 8.61 2.81 -28.09
CA ARG A 224 8.57 2.85 -28.10
C ARG A 224 7.63 2.41 -29.19
C ARG A 224 7.63 2.42 -29.20
N LYS A 225 7.20 1.15 -29.19
CA LYS A 225 6.27 0.68 -30.21
C LYS A 225 4.94 1.41 -30.15
N PHE A 226 4.50 1.77 -28.93
CA PHE A 226 3.25 2.50 -28.79
C PHE A 226 3.34 3.89 -29.39
N VAL A 227 4.42 4.62 -29.09
CA VAL A 227 4.55 5.99 -29.57
C VAL A 227 4.80 6.00 -31.08
N GLU A 228 5.57 5.04 -31.58
CA GLU A 228 5.81 4.97 -33.02
C GLU A 228 4.54 4.65 -33.79
N THR A 229 3.76 3.68 -33.30
CA THR A 229 2.53 3.30 -33.99
C THR A 229 1.52 4.44 -34.00
N THR A 230 1.29 5.05 -32.83
CA THR A 230 0.33 6.15 -32.75
C THR A 230 0.84 7.40 -33.44
N GLY A 231 2.17 7.56 -33.53
CA GLY A 231 2.73 8.78 -34.06
C GLY A 231 2.50 10.00 -33.18
N LEU A 232 2.32 9.79 -31.89
CA LEU A 232 1.98 10.88 -30.97
C LEU A 232 3.24 11.62 -30.51
N PRO A 233 3.12 12.92 -30.26
CA PRO A 233 4.22 13.64 -29.60
C PRO A 233 4.38 13.14 -28.17
N TYR A 234 5.63 13.06 -27.72
CA TYR A 234 5.90 12.55 -26.38
C TYR A 234 6.89 13.43 -25.67
N LEU A 235 6.71 13.54 -24.35
CA LEU A 235 7.64 14.23 -23.46
C LEU A 235 8.19 13.23 -22.45
N ALA A 236 9.49 13.30 -22.21
CA ALA A 236 10.16 12.41 -21.27
C ALA A 236 10.36 13.14 -19.94
N SER A 237 10.04 12.45 -18.85
CA SER A 237 10.35 12.95 -17.52
C SER A 237 11.87 12.97 -17.34
N PRO A 238 12.37 13.67 -16.31
CA PRO A 238 13.83 13.70 -16.11
C PRO A 238 14.52 12.35 -16.15
N MET A 239 14.01 11.37 -15.42
CA MET A 239 14.57 10.02 -15.47
C MET A 239 13.79 9.10 -16.40
N GLY A 240 12.71 9.60 -17.01
CA GLY A 240 12.10 8.90 -18.14
C GLY A 240 12.90 9.01 -19.42
N LYS A 241 13.88 9.90 -19.48
CA LYS A 241 14.79 9.97 -20.61
C LYS A 241 15.47 8.62 -20.82
N GLY A 242 15.53 8.19 -22.09
CA GLY A 242 16.17 6.96 -22.47
C GLY A 242 15.22 5.82 -22.76
N VAL A 243 14.03 5.81 -22.13
CA VAL A 243 13.02 4.82 -22.47
C VAL A 243 12.78 4.81 -23.97
N ILE A 244 12.50 5.98 -24.53
CA ILE A 244 12.60 6.23 -25.96
C ILE A 244 13.89 7.03 -26.13
N PRO A 245 14.73 6.73 -27.12
CA PRO A 245 15.96 7.51 -27.30
C PRO A 245 15.66 9.00 -27.43
N ASP A 246 16.45 9.82 -26.75
CA ASP A 246 16.17 11.24 -26.69
C ASP A 246 16.34 11.95 -28.02
N ASP A 247 16.99 11.32 -29.00
CA ASP A 247 17.06 11.89 -30.35
C ASP A 247 15.89 11.46 -31.22
N HIS A 248 14.82 10.93 -30.63
CA HIS A 248 13.66 10.49 -31.39
C HIS A 248 12.97 11.69 -32.01
N PRO A 249 12.49 11.58 -33.26
CA PRO A 249 11.87 12.74 -33.91
C PRO A 249 10.54 13.15 -33.31
N GLN A 250 9.89 12.29 -32.53
CA GLN A 250 8.59 12.61 -31.94
C GLN A 250 8.70 13.22 -30.55
N SER A 251 9.92 13.45 -30.06
CA SER A 251 10.10 14.11 -28.78
C SER A 251 9.88 15.61 -28.90
N ILE A 252 9.14 16.17 -27.96
CA ILE A 252 8.88 17.60 -27.94
C ILE A 252 9.52 18.21 -26.70
N ALA A 253 10.66 17.65 -26.28
CA ALA A 253 11.33 18.12 -25.08
C ALA A 253 11.73 19.59 -25.18
N ALA A 254 12.08 20.05 -26.38
CA ALA A 254 12.45 21.44 -26.59
C ALA A 254 11.26 22.39 -26.60
N ALA A 255 10.05 21.88 -26.36
CA ALA A 255 8.84 22.70 -26.29
C ALA A 255 7.98 22.21 -25.13
N ARG A 256 8.60 22.03 -23.97
CA ARG A 256 7.92 21.41 -22.84
C ARG A 256 6.81 22.31 -22.30
N SER A 257 7.14 23.57 -22.01
CA SER A 257 6.14 24.47 -21.43
C SER A 257 4.97 24.69 -22.38
N PHE A 258 5.24 24.75 -23.68
CA PHE A 258 4.16 24.92 -24.65
C PHE A 258 3.28 23.68 -24.71
N ALA A 259 3.90 22.49 -24.68
CA ALA A 259 3.13 21.26 -24.82
C ALA A 259 2.19 21.05 -23.62
N LEU A 260 2.68 21.29 -22.41
CA LEU A 260 1.84 21.09 -21.23
C LEU A 260 0.73 22.12 -21.15
N GLN A 261 1.00 23.36 -21.58
CA GLN A 261 0.03 24.43 -21.44
C GLN A 261 -1.11 24.33 -22.45
N ASN A 262 -0.91 23.59 -23.55
CA ASN A 262 -1.90 23.55 -24.63
C ASN A 262 -2.46 22.17 -24.93
N THR A 263 -1.94 21.11 -24.33
CA THR A 263 -2.47 19.78 -24.58
C THR A 263 -3.88 19.65 -24.01
N ASP A 264 -4.73 18.93 -24.72
CA ASP A 264 -6.09 18.67 -24.25
C ASP A 264 -6.29 17.25 -23.75
N LEU A 265 -5.32 16.37 -23.95
CA LEU A 265 -5.39 14.99 -23.46
C LEU A 265 -3.98 14.46 -23.33
N VAL A 266 -3.62 14.02 -22.13
CA VAL A 266 -2.27 13.54 -21.85
C VAL A 266 -2.35 12.08 -21.39
N VAL A 267 -1.38 11.28 -21.83
CA VAL A 267 -1.25 9.89 -21.42
C VAL A 267 -0.05 9.79 -20.51
N LEU A 268 -0.30 9.53 -19.22
CA LEU A 268 0.76 9.41 -18.23
C LEU A 268 1.19 7.95 -18.13
N MET A 269 2.37 7.65 -18.67
CA MET A 269 2.92 6.29 -18.66
C MET A 269 3.98 6.23 -17.56
N GLY A 270 3.55 5.85 -16.37
CA GLY A 270 4.47 5.73 -15.24
C GLY A 270 5.02 7.05 -14.76
N ALA A 271 4.18 8.08 -14.68
CA ALA A 271 4.60 9.39 -14.21
C ALA A 271 3.46 10.00 -13.39
N ARG A 272 3.82 10.67 -12.31
CA ARG A 272 2.85 11.24 -11.39
C ARG A 272 2.59 12.71 -11.71
N MET A 273 1.40 13.17 -11.36
CA MET A 273 1.06 14.60 -11.42
C MET A 273 1.46 15.30 -10.15
N ASN A 274 2.74 15.17 -9.77
CA ASN A 274 3.24 15.81 -8.56
C ASN A 274 3.93 17.14 -8.90
N TRP A 275 4.92 17.52 -8.11
CA TRP A 275 5.59 18.80 -8.33
C TRP A 275 6.35 18.84 -9.64
N MET A 276 6.80 17.68 -10.14
CA MET A 276 7.54 17.65 -11.40
C MET A 276 6.66 18.05 -12.57
N MET A 277 5.39 17.62 -12.56
CA MET A 277 4.44 17.97 -13.61
C MET A 277 3.55 19.13 -13.21
N HIS A 278 3.92 19.87 -12.17
CA HIS A 278 3.20 21.07 -11.72
C HIS A 278 1.76 20.75 -11.34
N PHE A 279 1.53 19.56 -10.79
CA PHE A 279 0.25 19.09 -10.27
C PHE A 279 -0.84 19.05 -11.35
N GLY A 280 -0.47 19.12 -12.62
CA GLY A 280 -1.45 19.11 -13.69
C GLY A 280 -2.42 20.27 -13.65
N GLN A 281 -2.07 21.35 -12.96
CA GLN A 281 -2.97 22.47 -12.71
C GLN A 281 -2.54 23.70 -13.50
N PRO A 282 -3.45 24.64 -13.73
CA PRO A 282 -3.07 25.93 -14.30
C PRO A 282 -2.12 26.66 -13.36
N PRO A 283 -1.31 27.60 -13.89
CA PRO A 283 -1.24 28.06 -15.27
C PRO A 283 -0.38 27.17 -16.17
N ARG A 284 0.27 26.14 -15.62
CA ARG A 284 1.14 25.29 -16.42
C ARG A 284 0.36 24.32 -17.30
N TRP A 285 -0.89 24.02 -16.96
CA TRP A 285 -1.75 23.17 -17.77
C TRP A 285 -3.05 23.92 -18.05
N ASN A 286 -3.79 23.42 -19.04
CA ASN A 286 -5.15 23.90 -19.27
C ASN A 286 -6.08 23.31 -18.23
N GLU A 287 -7.02 24.12 -17.73
CA GLU A 287 -7.87 23.68 -16.64
C GLU A 287 -8.83 22.56 -17.03
N LYS A 288 -9.03 22.32 -18.34
CA LYS A 288 -9.92 21.28 -18.81
C LYS A 288 -9.17 20.10 -19.40
N VAL A 289 -7.90 19.90 -19.01
CA VAL A 289 -7.09 18.85 -19.60
C VAL A 289 -7.63 17.48 -19.19
N ARG A 290 -7.70 16.58 -20.16
CA ARG A 290 -8.13 15.20 -19.93
C ARG A 290 -6.91 14.33 -19.74
N VAL A 291 -7.03 13.33 -18.85
CA VAL A 291 -5.89 12.55 -18.41
C VAL A 291 -6.19 11.06 -18.60
N ILE A 292 -5.26 10.36 -19.24
CA ILE A 292 -5.21 8.90 -19.25
C ILE A 292 -4.01 8.52 -18.39
N GLN A 293 -4.27 7.87 -17.24
CA GLN A 293 -3.24 7.63 -16.24
C GLN A 293 -2.93 6.14 -16.18
N MET A 294 -1.66 5.80 -16.38
CA MET A 294 -1.18 4.43 -16.30
C MET A 294 -0.23 4.33 -15.10
N ASP A 295 -0.65 3.61 -14.07
CA ASP A 295 0.14 3.51 -12.85
C ASP A 295 -0.17 2.21 -12.13
N ILE A 296 0.84 1.64 -11.48
CA ILE A 296 0.65 0.40 -10.74
C ILE A 296 -0.08 0.66 -9.43
N SER A 297 -0.06 1.90 -8.94
CA SER A 297 -0.69 2.27 -7.67
C SER A 297 -2.08 2.83 -7.97
N ALA A 298 -3.11 2.08 -7.57
CA ALA A 298 -4.47 2.56 -7.74
C ALA A 298 -4.72 3.84 -6.94
N GLU A 299 -4.08 3.97 -5.78
CA GLU A 299 -4.26 5.16 -4.95
C GLU A 299 -3.74 6.42 -5.62
N GLU A 300 -2.80 6.29 -6.56
CA GLU A 300 -2.27 7.45 -7.27
C GLU A 300 -3.23 8.00 -8.31
N ILE A 301 -4.18 7.18 -8.78
CA ILE A 301 -5.11 7.61 -9.81
C ILE A 301 -5.94 8.78 -9.30
N GLY A 302 -6.05 9.82 -10.12
CA GLY A 302 -6.91 10.95 -9.80
C GLY A 302 -6.33 11.94 -8.83
N THR A 303 -5.02 11.92 -8.59
CA THR A 303 -4.41 12.88 -7.70
C THR A 303 -4.35 14.25 -8.37
N ASN A 304 -4.78 15.28 -7.63
CA ASN A 304 -4.75 16.68 -8.05
C ASN A 304 -5.74 16.97 -9.17
N VAL A 305 -5.71 16.19 -10.25
CA VAL A 305 -6.64 16.39 -11.36
C VAL A 305 -7.36 15.07 -11.63
N PRO A 306 -8.62 15.11 -12.08
CA PRO A 306 -9.35 13.87 -12.31
C PRO A 306 -8.82 13.11 -13.52
N THR A 307 -8.98 11.78 -13.46
CA THR A 307 -8.53 10.88 -14.51
C THR A 307 -9.72 10.36 -15.30
N GLU A 308 -9.69 10.54 -16.62
CA GLU A 308 -10.79 10.12 -17.45
C GLU A 308 -10.78 8.61 -17.68
N VAL A 309 -9.61 8.05 -18.00
CA VAL A 309 -9.44 6.61 -18.19
C VAL A 309 -8.31 6.14 -17.31
N ALA A 310 -8.61 5.23 -16.39
CA ALA A 310 -7.64 4.73 -15.41
C ALA A 310 -7.08 3.40 -15.89
N LEU A 311 -5.76 3.34 -16.05
CA LEU A 311 -5.05 2.13 -16.47
C LEU A 311 -4.17 1.68 -15.30
N VAL A 312 -4.76 0.91 -14.40
CA VAL A 312 -4.06 0.45 -13.20
C VAL A 312 -3.41 -0.90 -13.50
N GLY A 313 -2.11 -0.97 -13.32
CA GLY A 313 -1.38 -2.20 -13.50
C GLY A 313 0.05 -1.94 -13.92
N ASP A 314 0.68 -2.98 -14.48
CA ASP A 314 2.06 -2.90 -14.91
C ASP A 314 2.16 -2.18 -16.24
N ALA A 315 3.15 -1.29 -16.34
CA ALA A 315 3.29 -0.46 -17.54
C ALA A 315 3.58 -1.30 -18.77
N LYS A 316 4.48 -2.29 -18.65
CA LYS A 316 4.83 -3.11 -19.80
C LYS A 316 3.63 -3.93 -20.28
N ALA A 317 2.87 -4.51 -19.35
CA ALA A 317 1.74 -5.34 -19.74
C ALA A 317 0.59 -4.50 -20.27
N ILE A 318 0.33 -3.35 -19.66
CA ILE A 318 -0.76 -2.50 -20.13
C ILE A 318 -0.42 -1.88 -21.48
N THR A 319 0.83 -1.42 -21.66
CA THR A 319 1.23 -0.90 -22.96
C THR A 319 1.17 -1.98 -24.02
N ALA A 320 1.46 -3.23 -23.66
CA ALA A 320 1.28 -4.34 -24.59
C ALA A 320 -0.19 -4.54 -24.93
N GLN A 321 -1.10 -4.28 -23.98
CA GLN A 321 -2.52 -4.33 -24.28
C GLN A 321 -2.90 -3.25 -25.29
N LEU A 322 -2.39 -2.04 -25.10
CA LEU A 322 -2.68 -0.96 -26.04
C LEU A 322 -2.14 -1.27 -27.42
N ASN A 323 -0.94 -1.83 -27.50
CA ASN A 323 -0.37 -2.20 -28.80
C ASN A 323 -1.16 -3.33 -29.44
N ALA A 324 -1.61 -4.29 -28.65
CA ALA A 324 -2.40 -5.39 -29.19
C ALA A 324 -3.76 -4.89 -29.69
N GLU A 325 -4.37 -3.96 -28.97
CA GLU A 325 -5.64 -3.39 -29.42
C GLU A 325 -5.43 -2.49 -30.63
N LEU A 326 -4.26 -1.87 -30.75
CA LEU A 326 -3.99 -1.04 -31.93
C LEU A 326 -3.80 -1.90 -33.17
N GLU A 327 -3.20 -3.08 -33.02
CA GLU A 327 -3.06 -3.98 -34.17
C GLU A 327 -4.41 -4.52 -34.61
N LYS A 328 -5.35 -4.67 -33.68
CA LYS A 328 -6.70 -5.12 -34.01
C LYS A 328 -7.54 -3.98 -34.60
N ASN A 329 -7.33 -2.75 -34.14
CA ASN A 329 -8.10 -1.59 -34.60
C ASN A 329 -7.11 -0.46 -34.86
N PRO A 330 -6.51 -0.42 -36.05
CA PRO A 330 -5.41 0.51 -36.31
C PRO A 330 -5.84 1.97 -36.26
N TRP A 331 -4.91 2.81 -35.83
CA TRP A 331 -5.11 4.25 -35.74
C TRP A 331 -3.76 4.91 -35.49
N SER A 332 -3.61 6.13 -35.99
CA SER A 332 -2.40 6.92 -35.73
C SER A 332 -2.74 8.39 -35.87
N TYR A 333 -2.06 9.21 -35.08
CA TYR A 333 -2.25 10.65 -35.15
C TYR A 333 -1.59 11.20 -36.40
N PRO A 334 -2.26 12.07 -37.16
CA PRO A 334 -1.68 12.56 -38.42
C PRO A 334 -0.40 13.33 -38.19
N SER A 335 0.52 13.22 -39.15
CA SER A 335 1.81 13.89 -39.08
C SER A 335 1.73 15.35 -39.48
N GLU A 336 0.58 15.83 -39.95
CA GLU A 336 0.41 17.21 -40.44
C GLU A 336 -0.80 17.82 -39.73
N THR A 337 -0.56 18.45 -38.59
CA THR A 337 -1.59 19.16 -37.85
C THR A 337 -1.03 20.50 -37.39
N THR A 338 -1.93 21.39 -36.98
CA THR A 338 -1.51 22.63 -36.35
C THR A 338 -0.85 22.37 -34.99
N TRP A 339 -1.18 21.26 -34.35
CA TRP A 339 -0.53 20.87 -33.10
C TRP A 339 0.94 20.54 -33.34
N TRP A 340 1.23 19.77 -34.40
CA TRP A 340 2.62 19.51 -34.75
C TRP A 340 3.34 20.80 -35.16
N THR A 341 2.67 21.66 -35.93
CA THR A 341 3.31 22.88 -36.41
C THR A 341 3.67 23.80 -35.26
N GLY A 342 2.77 23.96 -34.29
CA GLY A 342 3.07 24.78 -33.13
C GLY A 342 4.19 24.19 -32.28
N LEU A 343 4.20 22.86 -32.14
CA LEU A 343 5.28 22.22 -31.40
C LEU A 343 6.62 22.37 -32.12
N GLN A 344 6.64 22.13 -33.43
CA GLN A 344 7.88 22.25 -34.18
C GLN A 344 8.38 23.68 -34.21
N SER A 345 7.45 24.65 -34.27
CA SER A 345 7.85 26.05 -34.23
C SER A 345 8.47 26.42 -32.89
N LYS A 346 7.93 25.88 -31.80
CA LYS A 346 8.49 26.17 -30.49
C LYS A 346 9.83 25.48 -30.28
N ILE A 347 10.02 24.31 -30.89
CA ILE A 347 11.30 23.61 -30.80
C ILE A 347 12.39 24.41 -31.50
N ALA A 348 12.11 24.86 -32.73
CA ALA A 348 13.11 25.60 -33.50
C ALA A 348 13.47 26.92 -32.82
N ALA A 349 12.53 27.52 -32.10
CA ALA A 349 12.83 28.78 -31.42
C ALA A 349 13.76 28.56 -30.23
N ASN A 350 13.52 27.50 -29.45
CA ASN A 350 14.39 27.22 -28.32
C ASN A 350 15.74 26.69 -28.75
N ALA A 351 15.80 26.01 -29.91
CA ALA A 351 17.09 25.57 -30.42
C ALA A 351 17.93 26.74 -30.89
N ALA A 352 17.29 27.75 -31.49
CA ALA A 352 18.04 28.93 -31.93
C ALA A 352 18.52 29.77 -30.75
N THR A 353 17.79 29.76 -29.64
CA THR A 353 18.19 30.56 -28.48
C THR A 353 19.46 30.00 -27.84
N VAL A 354 19.54 28.68 -27.69
CA VAL A 354 20.68 28.06 -26.99
C VAL A 354 21.82 27.70 -27.92
N GLU A 355 21.64 27.82 -29.24
CA GLU A 355 22.71 27.46 -30.17
C GLU A 355 23.98 28.29 -29.97
N PRO A 356 23.93 29.61 -29.86
CA PRO A 356 25.18 30.35 -29.60
C PRO A 356 25.75 30.13 -28.20
N MET A 357 24.93 29.69 -27.24
CA MET A 357 25.45 29.40 -25.91
C MET A 357 26.37 28.19 -25.92
N PHE A 358 26.11 27.22 -26.79
CA PHE A 358 26.98 26.05 -26.89
C PHE A 358 28.36 26.42 -27.39
N ASN A 359 28.48 27.51 -28.15
CA ASN A 359 29.72 27.87 -28.81
C ASN A 359 30.39 29.09 -28.18
N ASP A 360 29.92 29.55 -27.02
CA ASP A 360 30.47 30.73 -26.37
C ASP A 360 31.75 30.35 -25.65
N ASP A 361 32.88 30.88 -26.11
CA ASP A 361 34.19 30.58 -25.53
C ASP A 361 34.61 31.55 -24.44
N SER A 362 33.67 32.31 -23.89
CA SER A 362 34.00 33.30 -22.86
C SER A 362 34.50 32.63 -21.59
N VAL A 363 35.42 33.31 -20.91
CA VAL A 363 35.98 32.84 -19.64
C VAL A 363 35.67 33.89 -18.59
N PRO A 364 35.08 33.52 -17.45
CA PRO A 364 34.67 32.17 -17.00
C PRO A 364 33.60 31.54 -17.89
N MET A 365 33.65 30.23 -18.08
CA MET A 365 32.78 29.55 -19.02
C MET A 365 31.36 29.44 -18.49
N GLY A 366 30.44 29.09 -19.39
CA GLY A 366 29.06 28.88 -19.06
C GLY A 366 28.67 27.41 -19.09
N TYR A 367 27.47 27.13 -18.60
CA TYR A 367 27.00 25.74 -18.52
C TYR A 367 26.97 25.08 -19.89
N TYR A 368 26.39 25.76 -20.88
CA TYR A 368 26.16 25.12 -22.17
C TYR A 368 27.47 24.84 -22.90
N ARG A 369 28.45 25.74 -22.79
CA ARG A 369 29.74 25.50 -23.41
C ARG A 369 30.44 24.29 -22.80
N VAL A 370 30.34 24.14 -21.48
CA VAL A 370 30.99 23.02 -20.81
C VAL A 370 30.26 21.72 -21.08
N LEU A 371 28.92 21.75 -20.97
CA LEU A 371 28.13 20.54 -21.20
C LEU A 371 28.16 20.08 -22.65
N ARG A 372 28.51 20.96 -23.58
CA ARG A 372 28.63 20.57 -24.98
C ARG A 372 29.73 19.53 -25.17
N ASP A 373 30.89 19.76 -24.56
CA ASP A 373 32.00 18.83 -24.71
C ASP A 373 31.77 17.55 -23.88
N ILE A 374 31.06 17.66 -22.77
CA ILE A 374 30.68 16.45 -22.03
C ILE A 374 29.76 15.59 -22.87
N ARG A 375 28.75 16.21 -23.50
CA ARG A 375 27.80 15.47 -24.31
C ARG A 375 28.48 14.76 -25.48
N ASP A 376 29.39 15.44 -26.17
CA ASP A 376 29.97 14.92 -27.40
C ASP A 376 31.09 13.91 -27.17
N LEU A 377 31.59 13.78 -25.94
CA LEU A 377 32.64 12.82 -25.64
C LEU A 377 32.16 11.64 -24.82
N ILE A 378 30.92 11.66 -24.33
CA ILE A 378 30.39 10.57 -23.50
C ILE A 378 30.13 9.35 -24.39
N PRO A 379 30.47 8.15 -23.93
CA PRO A 379 30.06 6.95 -24.68
C PRO A 379 28.55 6.85 -24.79
N LYS A 380 28.07 6.46 -25.97
CA LYS A 380 26.64 6.49 -26.25
C LYS A 380 25.83 5.60 -25.30
N ASP A 381 26.46 4.61 -24.68
CA ASP A 381 25.78 3.75 -23.73
C ASP A 381 26.23 4.00 -22.29
N ALA A 382 26.86 5.14 -22.02
CA ALA A 382 27.31 5.45 -20.68
C ALA A 382 26.11 5.72 -19.77
N ILE A 383 26.35 5.61 -18.47
CA ILE A 383 25.34 5.88 -17.44
C ILE A 383 25.71 7.18 -16.75
N ILE A 384 24.76 8.11 -16.68
CA ILE A 384 25.01 9.47 -16.23
C ILE A 384 24.44 9.64 -14.83
N SER A 385 25.29 10.04 -13.89
CA SER A 385 24.87 10.48 -12.57
C SER A 385 24.97 12.00 -12.55
N ASN A 386 23.82 12.67 -12.64
CA ASN A 386 23.76 14.12 -12.75
C ASN A 386 23.09 14.68 -11.50
N GLU A 387 23.76 15.61 -10.83
CA GLU A 387 23.27 16.11 -9.55
C GLU A 387 23.64 17.58 -9.39
N GLY A 388 22.76 18.32 -8.72
CA GLY A 388 22.92 19.74 -8.46
C GLY A 388 21.63 20.47 -8.77
N ALA A 389 21.75 21.78 -8.97
CA ALA A 389 20.60 22.59 -9.37
C ALA A 389 20.67 22.88 -10.86
N SER A 390 21.36 23.96 -11.24
CA SER A 390 21.52 24.26 -12.66
C SER A 390 22.37 23.21 -13.36
N THR A 391 23.38 22.68 -12.68
CA THR A 391 24.18 21.61 -13.26
C THR A 391 23.32 20.41 -13.64
N MET A 392 22.34 20.08 -12.80
CA MET A 392 21.47 18.95 -13.07
C MET A 392 20.34 19.32 -14.03
N ASP A 393 19.76 20.51 -13.87
CA ASP A 393 18.63 20.90 -14.71
C ASP A 393 19.06 21.16 -16.15
N ILE A 394 20.17 21.88 -16.34
CA ILE A 394 20.67 22.09 -17.69
C ILE A 394 21.25 20.81 -18.26
N GLY A 395 21.94 20.02 -17.41
CA GLY A 395 22.43 18.73 -17.84
C GLY A 395 21.32 17.78 -18.25
N ARG A 396 20.12 17.97 -17.69
CA ARG A 396 18.97 17.14 -18.08
C ARG A 396 18.58 17.39 -19.53
N THR A 397 18.62 18.65 -19.97
CA THR A 397 18.20 18.98 -21.33
C THR A 397 19.34 18.82 -22.33
N VAL A 398 20.58 18.99 -21.90
CA VAL A 398 21.72 18.95 -22.83
C VAL A 398 22.22 17.52 -23.03
N LEU A 399 22.34 16.75 -21.95
CA LEU A 399 22.88 15.40 -22.03
C LEU A 399 21.77 14.42 -22.41
N PRO A 400 21.81 13.81 -23.60
CA PRO A 400 20.76 12.88 -23.99
C PRO A 400 21.01 11.47 -23.47
N ASN A 401 19.93 10.70 -23.39
CA ASN A 401 19.97 9.30 -23.03
C ASN A 401 19.31 8.48 -24.13
N PHE A 402 20.00 7.42 -24.57
CA PHE A 402 19.51 6.59 -25.67
C PHE A 402 19.05 5.22 -25.20
N PHE A 403 19.18 4.91 -23.90
CA PHE A 403 18.72 3.66 -23.35
C PHE A 403 18.01 3.93 -22.02
N ALA A 404 17.05 3.08 -21.69
CA ALA A 404 16.29 3.25 -20.47
C ALA A 404 17.18 3.01 -19.25
N ARG A 405 16.88 3.75 -18.17
CA ARG A 405 17.56 3.60 -16.89
C ARG A 405 19.05 3.88 -17.00
N THR A 406 19.40 4.92 -17.76
CA THR A 406 20.79 5.35 -17.90
C THR A 406 21.02 6.76 -17.35
N ARG A 407 20.03 7.35 -16.69
CA ARG A 407 20.20 8.63 -16.01
C ARG A 407 19.74 8.50 -14.57
N LEU A 408 20.57 8.97 -13.64
CA LEU A 408 20.26 8.96 -12.22
C LEU A 408 20.51 10.35 -11.68
N ASP A 409 19.47 11.00 -11.17
CA ASP A 409 19.58 12.36 -10.67
C ASP A 409 18.93 12.46 -9.29
N ALA A 410 18.67 13.69 -8.85
CA ALA A 410 18.07 13.91 -7.53
C ALA A 410 16.67 13.35 -7.41
N ALA A 411 16.00 13.09 -8.55
CA ALA A 411 14.73 12.39 -8.58
C ALA A 411 13.63 13.14 -7.83
N THR A 412 12.60 12.41 -7.38
CA THR A 412 11.40 13.06 -6.85
C THR A 412 11.68 13.83 -5.57
N PHE A 413 12.56 13.31 -4.71
CA PHE A 413 12.86 13.97 -3.45
C PHE A 413 13.79 15.16 -3.60
N GLY A 414 14.31 15.41 -4.81
CA GLY A 414 15.24 16.50 -5.04
C GLY A 414 16.44 16.48 -4.11
N THR A 415 17.01 15.30 -3.89
CA THR A 415 17.99 15.09 -2.83
C THR A 415 19.40 15.44 -3.30
N MET A 416 20.10 16.25 -2.51
CA MET A 416 21.53 16.43 -2.65
C MET A 416 22.24 15.43 -1.74
N GLY A 417 23.27 14.76 -2.27
CA GLY A 417 23.95 13.71 -1.55
C GLY A 417 23.86 12.34 -2.21
N VAL A 418 23.22 12.22 -3.37
CA VAL A 418 23.06 10.92 -4.03
C VAL A 418 24.02 10.72 -5.18
N GLY A 419 24.72 11.77 -5.62
CA GLY A 419 25.55 11.72 -6.82
C GLY A 419 26.56 10.59 -6.86
N ALA A 420 27.50 10.58 -5.92
CA ALA A 420 28.53 9.53 -5.92
C ALA A 420 27.94 8.17 -5.61
N GLY A 421 26.99 8.11 -4.67
CA GLY A 421 26.39 6.83 -4.31
C GLY A 421 25.67 6.16 -5.48
N GLN A 422 24.93 6.95 -6.26
CA GLN A 422 24.24 6.38 -7.41
C GLN A 422 25.20 6.02 -8.53
N ALA A 423 26.31 6.76 -8.66
CA ALA A 423 27.33 6.38 -9.62
C ALA A 423 28.00 5.06 -9.24
N ILE A 424 28.24 4.86 -7.94
CA ILE A 424 28.78 3.59 -7.47
C ILE A 424 27.77 2.47 -7.68
N ALA A 425 26.49 2.75 -7.42
CA ALA A 425 25.45 1.76 -7.65
C ALA A 425 25.36 1.36 -9.12
N ALA A 426 25.45 2.34 -10.01
CA ALA A 426 25.40 2.05 -11.45
C ALA A 426 26.60 1.22 -11.88
N ALA A 427 27.78 1.52 -11.33
CA ALA A 427 28.97 0.76 -11.70
C ALA A 427 28.89 -0.67 -11.20
N SER A 428 28.37 -0.87 -9.99
CA SER A 428 28.25 -2.22 -9.45
C SER A 428 27.25 -3.05 -10.24
N VAL A 429 26.24 -2.42 -10.82
CA VAL A 429 25.24 -3.15 -11.60
C VAL A 429 25.72 -3.35 -13.03
N HIS A 430 26.40 -2.36 -13.61
CA HIS A 430 26.90 -2.42 -14.98
C HIS A 430 28.42 -2.26 -14.96
N PRO A 431 29.16 -3.34 -14.69
CA PRO A 431 30.63 -3.24 -14.68
C PRO A 431 31.23 -3.09 -16.07
N ASP A 432 30.46 -3.32 -17.13
CA ASP A 432 30.95 -3.20 -18.50
C ASP A 432 30.64 -1.85 -19.12
N ARG A 433 30.17 -0.89 -18.33
CA ARG A 433 29.80 0.43 -18.81
C ARG A 433 30.66 1.51 -18.16
N LYS A 434 30.77 2.63 -18.84
CA LYS A 434 31.42 3.82 -18.28
C LYS A 434 30.37 4.65 -17.54
N ILE A 435 30.71 5.06 -16.32
CA ILE A 435 29.83 5.86 -15.48
C ILE A 435 30.36 7.28 -15.45
N ILE A 436 29.51 8.25 -15.76
CA ILE A 436 29.87 9.66 -15.76
C ILE A 436 29.09 10.35 -14.66
N CYS A 437 29.80 10.97 -13.72
CA CYS A 437 29.20 11.69 -12.60
C CYS A 437 29.41 13.18 -12.82
N VAL A 438 28.32 13.90 -13.07
CA VAL A 438 28.37 15.33 -13.33
C VAL A 438 27.63 16.03 -12.20
N GLN A 439 28.38 16.68 -11.31
CA GLN A 439 27.81 17.31 -10.13
C GLN A 439 28.19 18.78 -10.06
N GLY A 440 27.30 19.59 -9.49
CA GLY A 440 27.68 20.92 -9.07
C GLY A 440 28.65 20.87 -7.91
N ASP A 441 29.32 22.00 -7.67
CA ASP A 441 30.33 22.02 -6.61
C ASP A 441 29.71 21.79 -5.24
N SER A 442 28.48 22.24 -5.02
CA SER A 442 27.82 22.02 -3.75
C SER A 442 27.41 20.57 -3.58
N ALA A 443 26.81 19.98 -4.63
CA ALA A 443 26.35 18.60 -4.56
C ALA A 443 27.53 17.65 -4.35
N PHE A 444 28.69 17.97 -4.95
CA PHE A 444 29.87 17.14 -4.77
C PHE A 444 30.29 17.09 -3.31
N GLY A 445 30.12 18.20 -2.58
CA GLY A 445 30.54 18.25 -1.20
C GLY A 445 29.72 17.40 -0.26
N PHE A 446 28.49 17.03 -0.66
CA PHE A 446 27.64 16.22 0.21
C PHE A 446 28.22 14.83 0.42
N GLY A 447 28.86 14.27 -0.61
CA GLY A 447 29.46 12.96 -0.50
C GLY A 447 30.78 12.86 -1.23
N GLY A 448 31.61 13.90 -1.09
CA GLY A 448 32.86 13.94 -1.85
C GLY A 448 33.86 12.88 -1.44
N MET A 449 33.80 12.42 -0.19
CA MET A 449 34.74 11.41 0.27
C MET A 449 34.58 10.08 -0.45
N GLU A 450 33.41 9.83 -1.04
CA GLU A 450 33.15 8.54 -1.68
C GLU A 450 33.89 8.36 -3.00
N VAL A 451 34.67 9.35 -3.45
CA VAL A 451 35.50 9.14 -4.63
C VAL A 451 36.57 8.09 -4.34
N GLU A 452 37.03 8.02 -3.08
CA GLU A 452 37.96 6.96 -2.70
C GLU A 452 37.27 5.60 -2.70
N THR A 453 35.99 5.57 -2.33
CA THR A 453 35.24 4.31 -2.40
C THR A 453 35.18 3.77 -3.81
N ALA A 454 34.93 4.64 -4.79
CA ALA A 454 34.89 4.21 -6.19
C ALA A 454 36.25 3.74 -6.65
N ALA A 455 37.32 4.40 -6.19
CA ALA A 455 38.67 4.01 -6.60
C ALA A 455 39.09 2.72 -5.92
N ARG A 456 38.76 2.56 -4.64
CA ARG A 456 39.16 1.37 -3.90
C ARG A 456 38.60 0.10 -4.54
N TYR A 457 37.37 0.16 -5.04
CA TYR A 457 36.73 -0.98 -5.67
C TYR A 457 36.90 -1.01 -7.18
N GLY A 458 37.79 -0.17 -7.72
CA GLY A 458 38.11 -0.21 -9.14
C GLY A 458 36.93 0.05 -10.07
N LEU A 459 36.03 0.96 -9.68
CA LEU A 459 34.85 1.24 -10.48
C LEU A 459 35.18 2.22 -11.59
N ASN A 460 34.57 2.01 -12.76
CA ASN A 460 34.85 2.82 -13.94
C ASN A 460 33.98 4.08 -13.93
N ILE A 461 34.34 4.98 -13.02
CA ILE A 461 33.61 6.23 -12.81
C ILE A 461 34.53 7.40 -13.08
N THR A 462 34.00 8.41 -13.77
CA THR A 462 34.70 9.67 -13.99
C THR A 462 33.87 10.78 -13.35
N PHE A 463 34.50 11.54 -12.45
CA PHE A 463 33.82 12.59 -11.70
C PHE A 463 34.06 13.94 -12.34
N VAL A 464 32.98 14.60 -12.74
CA VAL A 464 33.02 15.95 -13.31
C VAL A 464 32.31 16.88 -12.35
N ILE A 465 32.98 17.98 -12.00
CA ILE A 465 32.44 18.99 -11.09
C ILE A 465 32.32 20.29 -11.84
N ILE A 466 31.11 20.83 -11.93
CA ILE A 466 30.86 22.14 -12.51
C ILE A 466 30.77 23.13 -11.36
N ASN A 467 31.80 23.97 -11.23
CA ASN A 467 32.05 24.77 -10.03
C ASN A 467 31.81 26.24 -10.32
N ASN A 468 30.82 26.82 -9.63
CA ASN A 468 30.56 28.26 -9.70
C ASN A 468 30.71 28.94 -8.34
N ASN A 469 31.41 28.29 -7.41
CA ASN A 469 31.78 28.81 -6.09
C ASN A 469 30.63 28.80 -5.08
N GLY A 470 29.62 27.96 -5.26
CA GLY A 470 28.61 27.83 -4.23
C GLY A 470 27.28 27.33 -4.76
N ILE A 471 26.29 27.34 -3.87
CA ILE A 471 24.92 26.94 -4.20
C ILE A 471 24.32 28.01 -5.10
N GLY A 472 24.28 27.73 -6.41
CA GLY A 472 23.83 28.73 -7.35
C GLY A 472 24.82 29.86 -7.56
N GLY A 473 26.08 29.64 -7.24
CA GLY A 473 27.11 30.63 -7.50
C GLY A 473 27.61 31.29 -6.22
N GLY A 474 28.89 31.67 -6.24
CA GLY A 474 29.49 32.41 -5.16
C GLY A 474 30.50 33.41 -5.69
N PRO A 475 30.83 34.42 -4.88
CA PRO A 475 31.74 35.47 -5.34
C PRO A 475 33.16 34.94 -5.52
N ASP A 476 33.98 35.75 -6.19
CA ASP A 476 35.37 35.39 -6.45
C ASP A 476 36.27 35.59 -5.24
N GLU A 477 35.87 36.44 -4.29
CA GLU A 477 36.60 36.63 -3.04
C GLU A 477 35.58 36.74 -1.92
N LEU A 478 35.91 36.19 -0.76
CA LEU A 478 34.98 36.10 0.35
C LEU A 478 35.28 37.17 1.39
N ASP A 479 34.24 37.89 1.80
CA ASP A 479 34.29 38.83 2.91
C ASP A 479 34.17 38.04 4.21
N PRO A 480 35.22 38.00 5.03
CA PRO A 480 35.18 37.15 6.24
C PRO A 480 34.07 37.51 7.21
N ALA A 481 33.54 38.73 7.17
CA ALA A 481 32.46 39.14 8.04
C ALA A 481 31.10 39.07 7.36
N HIS A 482 31.05 38.73 6.08
CA HIS A 482 29.80 38.68 5.33
C HIS A 482 29.86 37.55 4.30
N ILE A 483 30.12 36.34 4.75
CA ILE A 483 30.16 35.18 3.86
C ILE A 483 28.72 34.78 3.53
N PRO A 484 28.34 34.77 2.25
CA PRO A 484 26.98 34.35 1.88
C PRO A 484 26.73 32.92 2.31
N PRO A 485 25.49 32.61 2.73
CA PRO A 485 25.24 31.28 3.31
C PRO A 485 25.49 30.13 2.35
N GLY A 486 25.36 30.35 1.05
CA GLY A 486 25.51 29.26 0.10
C GLY A 486 26.81 29.32 -0.68
N ALA A 487 27.80 30.05 -0.17
CA ALA A 487 29.08 30.21 -0.86
C ALA A 487 30.12 29.26 -0.26
N TYR A 488 31.10 28.90 -1.09
CA TYR A 488 32.24 28.09 -0.67
C TYR A 488 33.53 28.83 -1.02
N THR A 489 34.65 28.23 -0.65
CA THR A 489 35.95 28.81 -0.92
C THR A 489 36.11 29.04 -2.42
N PRO A 490 36.40 30.26 -2.86
CA PRO A 490 36.55 30.52 -4.30
C PRO A 490 37.69 29.70 -4.90
N GLN A 491 37.45 29.14 -6.08
CA GLN A 491 38.43 28.32 -6.79
C GLN A 491 38.88 27.14 -5.92
N ALA A 492 37.90 26.48 -5.29
CA ALA A 492 38.19 25.32 -4.47
C ALA A 492 38.69 24.18 -5.35
N HIS A 493 39.89 23.70 -5.06
CA HIS A 493 40.53 22.67 -5.88
C HIS A 493 40.10 21.27 -5.39
N TYR A 494 38.84 20.94 -5.69
CA TYR A 494 38.32 19.63 -5.38
C TYR A 494 39.04 18.52 -6.13
N GLU A 495 39.69 18.85 -7.26
CA GLU A 495 40.39 17.83 -8.03
C GLU A 495 41.59 17.27 -7.27
N LYS A 496 42.10 17.99 -6.27
CA LYS A 496 43.17 17.46 -5.45
C LYS A 496 42.75 16.25 -4.63
N MET A 497 41.44 16.04 -4.45
CA MET A 497 40.97 14.86 -3.75
C MET A 497 41.28 13.58 -4.51
N ALA A 498 41.59 13.68 -5.81
CA ALA A 498 42.04 12.51 -6.56
C ALA A 498 43.41 12.04 -6.10
N ASP A 499 44.22 12.94 -5.52
CA ASP A 499 45.51 12.55 -4.98
C ASP A 499 45.39 11.69 -3.72
N VAL A 500 44.20 11.63 -3.12
CA VAL A 500 44.02 10.80 -1.93
C VAL A 500 44.25 9.33 -2.26
N TYR A 501 43.75 8.88 -3.41
CA TYR A 501 43.84 7.48 -3.82
C TYR A 501 44.79 7.26 -5.00
N GLY A 502 45.62 8.25 -5.33
CA GLY A 502 46.55 8.08 -6.43
C GLY A 502 45.97 8.30 -7.80
N GLY A 503 44.81 8.94 -7.91
CA GLY A 503 44.24 9.29 -9.19
C GLY A 503 44.79 10.63 -9.71
N LYS A 504 44.25 11.05 -10.84
CA LYS A 504 44.64 12.31 -11.46
C LYS A 504 43.49 13.31 -11.36
N GLY A 505 43.81 14.52 -10.93
CA GLY A 505 42.83 15.60 -10.83
C GLY A 505 43.17 16.72 -11.78
N TYR A 506 42.15 17.27 -12.43
CA TYR A 506 42.32 18.30 -13.44
C TYR A 506 41.58 19.57 -13.04
N PHE A 507 42.18 20.71 -13.33
CA PHE A 507 41.60 22.02 -13.05
C PHE A 507 41.44 22.75 -14.38
N VAL A 508 40.19 23.01 -14.77
CA VAL A 508 39.86 23.55 -16.08
C VAL A 508 39.25 24.93 -15.92
N THR A 509 39.75 25.89 -16.70
CA THR A 509 39.23 27.25 -16.67
C THR A 509 38.91 27.77 -18.06
N THR A 510 39.59 27.26 -19.08
CA THR A 510 39.46 27.79 -20.43
C THR A 510 38.93 26.72 -21.39
N PRO A 511 38.22 27.12 -22.45
CA PRO A 511 37.60 26.12 -23.33
C PRO A 511 38.59 25.24 -24.07
N ASP A 512 39.80 25.72 -24.35
CA ASP A 512 40.79 24.90 -25.04
C ASP A 512 41.25 23.72 -24.21
N GLN A 513 40.92 23.67 -22.91
CA GLN A 513 41.28 22.56 -22.05
C GLN A 513 40.23 21.46 -22.01
N LEU A 514 38.99 21.76 -22.40
CA LEU A 514 37.87 20.85 -22.16
C LEU A 514 38.09 19.50 -22.84
N LYS A 515 38.24 19.50 -24.17
CA LYS A 515 38.31 18.22 -24.89
C LYS A 515 39.52 17.38 -24.50
N PRO A 516 40.76 17.89 -24.48
CA PRO A 516 41.88 17.00 -24.11
C PRO A 516 41.84 16.53 -22.67
N VAL A 517 41.33 17.35 -21.74
CA VAL A 517 41.26 16.94 -20.35
C VAL A 517 40.22 15.84 -20.17
N LEU A 518 39.02 16.05 -20.71
CA LEU A 518 37.96 15.06 -20.55
C LEU A 518 38.33 13.74 -21.20
N GLU A 519 39.02 13.77 -22.34
CA GLU A 519 39.43 12.54 -23.00
C GLU A 519 40.44 11.78 -22.16
N GLU A 520 41.47 12.48 -21.66
CA GLU A 520 42.48 11.81 -20.84
C GLU A 520 41.90 11.35 -19.51
N ALA A 521 40.99 12.13 -18.93
CA ALA A 521 40.42 11.78 -17.63
C ALA A 521 39.58 10.51 -17.72
N MET A 522 38.73 10.41 -18.75
CA MET A 522 37.86 9.25 -18.89
C MET A 522 38.62 7.97 -19.20
N ALA A 523 39.88 8.08 -19.66
CA ALA A 523 40.69 6.93 -19.97
C ALA A 523 41.57 6.47 -18.81
N GLN A 524 41.48 7.12 -17.65
CA GLN A 524 42.36 6.81 -16.54
C GLN A 524 41.96 5.50 -15.89
N PRO A 525 42.94 4.71 -15.44
CA PRO A 525 42.60 3.46 -14.72
C PRO A 525 42.03 3.69 -13.33
N LYS A 526 42.23 4.89 -12.76
CA LYS A 526 41.65 5.32 -11.51
C LYS A 526 40.62 6.41 -11.76
N PRO A 527 39.61 6.54 -10.90
CA PRO A 527 38.60 7.60 -11.09
C PRO A 527 39.24 8.98 -11.07
N ALA A 528 39.14 9.68 -12.20
CA ALA A 528 39.65 11.04 -12.31
C ALA A 528 38.60 12.04 -11.87
N ILE A 529 39.06 13.20 -11.43
CA ILE A 529 38.19 14.30 -11.00
C ILE A 529 38.51 15.52 -11.86
N VAL A 530 37.52 16.00 -12.59
CA VAL A 530 37.67 17.17 -13.46
C VAL A 530 36.89 18.30 -12.82
N ASN A 531 37.60 19.27 -12.26
CA ASN A 531 36.99 20.43 -11.59
C ASN A 531 36.96 21.57 -12.60
N ILE A 532 35.77 21.84 -13.13
CA ILE A 532 35.60 22.84 -14.20
C ILE A 532 34.98 24.09 -13.59
N MET A 533 35.69 25.21 -13.69
CA MET A 533 35.18 26.48 -13.19
C MET A 533 34.27 27.14 -14.21
N ILE A 534 33.13 27.65 -13.75
CA ILE A 534 32.18 28.35 -14.59
C ILE A 534 31.82 29.68 -13.95
N SER A 535 31.25 30.56 -14.75
CA SER A 535 30.83 31.87 -14.27
C SER A 535 29.68 31.74 -13.27
N ASN A 536 29.67 32.61 -12.26
CA ASN A 536 28.57 32.66 -11.32
C ASN A 536 27.37 33.44 -11.87
N LYS A 537 27.46 33.92 -13.11
CA LYS A 537 26.33 34.55 -13.78
C LYS A 537 25.67 33.62 -14.79
N SER A 538 26.28 32.48 -15.10
CA SER A 538 25.72 31.56 -16.07
C SER A 538 24.47 30.89 -15.51
N GLY A 539 23.44 30.78 -16.36
CA GLY A 539 22.19 30.18 -15.97
C GLY A 539 21.53 29.53 -17.16
N ARG A 540 20.38 28.90 -16.91
CA ARG A 540 19.68 28.14 -17.92
C ARG A 540 18.99 29.09 -18.91
N LYS A 541 18.39 28.48 -19.94
CA LYS A 541 17.62 29.25 -20.90
C LYS A 541 16.46 29.95 -20.19
N PRO A 542 16.18 31.22 -20.52
CA PRO A 542 15.04 31.90 -19.90
C PRO A 542 13.73 31.21 -20.24
N GLN A 543 12.88 31.07 -19.22
CA GLN A 543 11.58 30.44 -19.38
C GLN A 543 10.50 31.40 -18.87
N GLU A 544 9.28 31.21 -19.37
CA GLU A 544 8.16 32.02 -18.87
C GLU A 544 7.81 31.65 -17.44
N PHE A 545 7.93 30.37 -17.10
CA PHE A 545 7.59 29.87 -15.78
C PHE A 545 8.80 29.21 -15.13
N GLY A 546 8.94 29.39 -13.83
CA GLY A 546 9.95 28.67 -13.10
C GLY A 546 9.56 27.22 -12.87
N TRP A 547 10.57 26.40 -12.55
CA TRP A 547 10.31 24.97 -12.39
C TRP A 547 9.55 24.67 -11.12
N LEU A 548 9.65 25.53 -10.11
CA LEU A 548 8.96 25.31 -8.83
C LEU A 548 7.62 26.05 -8.88
N THR A 549 6.55 25.29 -9.08
CA THR A 549 5.21 25.88 -9.09
C THR A 549 4.76 26.15 -7.66
N ARG A 550 4.40 27.39 -7.37
CA ARG A 550 3.94 27.78 -6.05
C ARG A 550 3.15 29.08 -6.10
N ALA B 2 -21.73 35.61 -0.75
CA ALA B 2 -22.27 34.45 -0.04
C ALA B 2 -21.17 33.59 0.54
N THR B 3 -21.27 33.29 1.84
CA THR B 3 -20.25 32.56 2.56
C THR B 3 -20.74 31.16 2.91
N ILE B 4 -19.81 30.34 3.40
CA ILE B 4 -20.09 28.96 3.77
C ILE B 4 -19.04 28.53 4.77
N THR B 5 -19.47 27.76 5.77
CA THR B 5 -18.57 27.32 6.83
C THR B 5 -17.82 26.07 6.41
N GLY B 6 -16.72 25.80 7.12
CA GLY B 6 -15.97 24.58 6.87
C GLY B 6 -16.77 23.33 7.14
N ALA B 7 -17.69 23.40 8.11
CA ALA B 7 -18.57 22.26 8.38
C ALA B 7 -19.54 22.03 7.24
N GLN B 8 -20.03 23.10 6.62
CA GLN B 8 -20.92 22.95 5.48
C GLN B 8 -20.17 22.50 4.24
N ILE B 9 -18.88 22.81 4.15
CA ILE B 9 -18.07 22.37 3.01
C ILE B 9 -17.80 20.88 3.10
N VAL B 10 -17.40 20.40 4.29
CA VAL B 10 -17.05 18.99 4.43
C VAL B 10 -18.29 18.12 4.31
N ALA B 11 -19.42 18.57 4.86
CA ALA B 11 -20.65 17.79 4.75
C ALA B 11 -21.12 17.72 3.29
N ARG B 12 -21.00 18.82 2.55
CA ARG B 12 -21.33 18.81 1.14
C ARG B 12 -20.34 17.98 0.34
N ALA B 13 -19.07 17.99 0.74
CA ALA B 13 -18.07 17.18 0.05
C ALA B 13 -18.26 15.69 0.32
N LEU B 14 -18.58 15.33 1.57
CA LEU B 14 -18.83 13.93 1.90
C LEU B 14 -20.02 13.40 1.12
N LYS B 15 -21.12 14.16 1.11
CA LYS B 15 -22.31 13.72 0.39
C LYS B 15 -22.03 13.56 -1.10
N GLN B 16 -21.24 14.47 -1.67
CA GLN B 16 -20.90 14.37 -3.08
C GLN B 16 -20.03 13.16 -3.38
N GLN B 17 -19.24 12.72 -2.40
CA GLN B 17 -18.35 11.57 -2.57
C GLN B 17 -19.02 10.24 -2.28
N GLY B 18 -20.35 10.23 -2.07
CA GLY B 18 -21.07 9.01 -1.84
C GLY B 18 -21.31 8.65 -0.39
N VAL B 19 -20.88 9.48 0.55
CA VAL B 19 -21.08 9.20 1.97
C VAL B 19 -22.56 9.38 2.29
N GLU B 20 -23.18 8.34 2.83
CA GLU B 20 -24.59 8.37 3.22
C GLU B 20 -24.81 8.07 4.69
N HIS B 21 -23.86 7.46 5.38
CA HIS B 21 -24.00 7.07 6.77
C HIS B 21 -22.89 7.69 7.60
N MET B 22 -23.26 8.38 8.68
CA MET B 22 -22.30 8.95 9.61
C MET B 22 -22.69 8.54 11.03
N PHE B 23 -21.73 8.01 11.78
CA PHE B 23 -21.94 7.56 13.14
C PHE B 23 -20.96 8.25 14.06
N GLY B 24 -21.42 8.65 15.25
CA GLY B 24 -20.53 9.25 16.21
C GLY B 24 -21.28 9.96 17.32
N ILE B 25 -20.56 10.83 18.02
CA ILE B 25 -21.09 11.61 19.13
C ILE B 25 -20.66 13.05 18.98
N VAL B 26 -21.59 13.97 19.20
CA VAL B 26 -21.34 15.39 18.94
C VAL B 26 -20.73 16.05 20.17
N GLY B 27 -20.24 17.26 19.99
CA GLY B 27 -19.54 17.99 21.04
C GLY B 27 -18.55 18.95 20.41
N ILE B 28 -17.86 19.68 21.27
CA ILE B 28 -16.85 20.62 20.78
C ILE B 28 -15.74 19.84 20.09
N PRO B 29 -15.37 20.19 18.85
CA PRO B 29 -15.93 21.24 18.01
C PRO B 29 -16.71 20.74 16.80
N VAL B 30 -17.22 19.50 16.84
CA VAL B 30 -17.82 18.88 15.67
C VAL B 30 -19.34 18.98 15.65
N ILE B 31 -19.92 19.82 16.52
CA ILE B 31 -21.37 19.98 16.53
C ILE B 31 -21.92 20.45 15.19
N PRO B 32 -21.39 21.52 14.57
CA PRO B 32 -21.97 21.96 13.29
C PRO B 32 -21.74 20.99 12.14
N ILE B 33 -20.80 20.05 12.27
CA ILE B 33 -20.58 19.08 11.21
C ILE B 33 -21.75 18.09 11.13
N ALA B 34 -22.19 17.58 12.28
CA ALA B 34 -23.33 16.69 12.29
C ALA B 34 -24.61 17.40 11.86
N ALA B 35 -24.74 18.69 12.19
CA ALA B 35 -25.89 19.46 11.75
C ALA B 35 -25.86 19.66 10.24
N ALA B 36 -24.71 20.05 9.69
CA ALA B 36 -24.60 20.22 8.25
C ALA B 36 -24.73 18.89 7.52
N ALA B 37 -24.33 17.79 8.16
CA ALA B 37 -24.47 16.48 7.54
C ALA B 37 -25.94 16.11 7.36
N GLN B 38 -26.77 16.42 8.36
CA GLN B 38 -28.20 16.13 8.24
C GLN B 38 -28.85 17.00 7.18
N ARG B 39 -28.40 18.24 7.03
CA ARG B 39 -28.98 19.12 6.01
C ARG B 39 -28.67 18.62 4.60
N GLU B 40 -27.54 17.95 4.42
CA GLU B 40 -27.17 17.40 3.12
C GLU B 40 -27.78 16.04 2.84
N GLY B 41 -28.59 15.51 3.77
CA GLY B 41 -29.20 14.21 3.58
C GLY B 41 -28.42 13.04 4.14
N ILE B 42 -27.28 13.28 4.78
CA ILE B 42 -26.50 12.22 5.40
C ILE B 42 -27.17 11.82 6.70
N LYS B 43 -27.51 10.55 6.83
CA LYS B 43 -28.09 10.05 8.07
C LYS B 43 -27.04 10.02 9.16
N PHE B 44 -27.27 10.76 10.24
CA PHE B 44 -26.38 10.77 11.39
C PHE B 44 -26.99 9.96 12.51
N TYR B 45 -26.18 9.10 13.13
CA TYR B 45 -26.59 8.26 14.24
C TYR B 45 -25.75 8.63 15.45
N GLY B 46 -26.40 9.17 16.48
CA GLY B 46 -25.73 9.51 17.72
C GLY B 46 -25.59 8.32 18.64
N PHE B 47 -24.36 7.87 18.87
CA PHE B 47 -24.10 6.69 19.68
C PHE B 47 -23.90 7.08 21.14
N HIS B 48 -23.75 6.06 21.99
CA HIS B 48 -23.41 6.27 23.39
C HIS B 48 -21.92 6.17 23.66
N ASN B 49 -21.13 5.71 22.69
CA ASN B 49 -19.69 5.65 22.81
C ASN B 49 -19.10 5.59 21.41
N GLU B 50 -18.07 6.39 21.17
CA GLU B 50 -17.45 6.43 19.84
C GLU B 50 -16.82 5.10 19.46
N GLN B 51 -16.50 4.26 20.44
CA GLN B 51 -15.90 2.96 20.14
C GLN B 51 -16.84 2.13 19.27
N SER B 52 -18.09 1.98 19.68
CA SER B 52 -19.06 1.24 18.88
C SER B 52 -19.36 1.97 17.57
N ALA B 53 -19.39 3.30 17.61
CA ALA B 53 -19.68 4.06 16.39
C ALA B 53 -18.57 3.89 15.36
N SER B 54 -17.31 3.83 15.81
CA SER B 54 -16.20 3.61 14.89
C SER B 54 -16.23 2.21 14.30
N TYR B 55 -16.68 1.22 15.07
CA TYR B 55 -16.85 -0.12 14.53
C TYR B 55 -17.97 -0.17 13.51
N ALA B 56 -19.02 0.64 13.69
CA ALA B 56 -20.13 0.65 12.75
C ALA B 56 -19.71 1.25 11.41
N ALA B 57 -18.81 2.24 11.43
CA ALA B 57 -18.37 2.85 10.18
C ALA B 57 -17.61 1.85 9.32
N GLY B 58 -16.77 1.02 9.93
CA GLY B 58 -16.04 0.02 9.18
C GLY B 58 -16.93 -1.05 8.59
N ALA B 59 -18.01 -1.41 9.28
CA ALA B 59 -18.94 -2.39 8.75
C ALA B 59 -19.68 -1.84 7.53
N VAL B 60 -19.97 -0.54 7.51
CA VAL B 60 -20.60 0.07 6.35
C VAL B 60 -19.68 -0.04 5.14
N GLY B 61 -18.38 0.18 5.34
CA GLY B 61 -17.44 0.07 4.24
C GLY B 61 -17.41 -1.33 3.63
N TYR B 62 -17.54 -2.35 4.48
CA TYR B 62 -17.59 -3.72 3.96
C TYR B 62 -18.89 -4.00 3.23
N LEU B 63 -19.99 -3.47 3.74
CA LEU B 63 -21.30 -3.77 3.16
C LEU B 63 -21.56 -3.01 1.87
N THR B 64 -20.95 -1.84 1.68
CA THR B 64 -21.29 -0.96 0.57
C THR B 64 -20.15 -0.69 -0.39
N GLY B 65 -18.91 -1.01 -0.04
CA GLY B 65 -17.80 -0.61 -0.87
C GLY B 65 -17.50 0.88 -0.85
N ARG B 66 -18.15 1.63 0.04
CA ARG B 66 -17.92 3.05 0.25
C ARG B 66 -17.66 3.28 1.73
N PRO B 67 -16.75 4.19 2.07
CA PRO B 67 -16.32 4.32 3.47
C PRO B 67 -17.44 4.82 4.36
N GLY B 68 -17.71 4.09 5.44
CA GLY B 68 -18.50 4.63 6.52
C GLY B 68 -17.71 5.67 7.29
N VAL B 69 -18.40 6.71 7.75
CA VAL B 69 -17.76 7.85 8.37
C VAL B 69 -18.08 7.86 9.85
N CYS B 70 -17.04 7.93 10.68
CA CYS B 70 -17.19 8.11 12.12
C CYS B 70 -16.79 9.53 12.48
N LEU B 71 -17.65 10.20 13.23
CA LEU B 71 -17.41 11.57 13.69
C LEU B 71 -17.14 11.55 15.19
N ALA B 72 -16.04 12.17 15.60
CA ALA B 72 -15.65 12.18 17.00
C ALA B 72 -15.12 13.56 17.37
N VAL B 73 -15.24 13.90 18.65
CA VAL B 73 -14.73 15.16 19.16
C VAL B 73 -13.22 15.07 19.30
N SER B 74 -12.58 16.18 19.66
CA SER B 74 -11.14 16.19 19.84
C SER B 74 -10.74 15.37 21.06
N GLY B 75 -9.45 15.03 21.11
CA GLY B 75 -8.88 14.35 22.25
C GLY B 75 -9.46 12.97 22.49
N PRO B 76 -10.13 12.80 23.64
CA PRO B 76 -10.60 11.46 24.01
C PRO B 76 -11.65 10.90 23.07
N GLY B 77 -12.43 11.74 22.39
CA GLY B 77 -13.40 11.24 21.43
C GLY B 77 -12.73 10.58 20.25
N MET B 78 -11.69 11.22 19.70
CA MET B 78 -10.98 10.63 18.57
C MET B 78 -10.27 9.35 18.98
N ILE B 79 -9.72 9.31 20.20
CA ILE B 79 -8.97 8.14 20.64
C ILE B 79 -9.89 6.95 20.84
N HIS B 80 -11.11 7.19 21.33
CA HIS B 80 -12.10 6.12 21.38
C HIS B 80 -12.35 5.54 20.00
N GLY B 81 -12.33 6.38 18.96
CA GLY B 81 -12.60 5.91 17.61
C GLY B 81 -11.43 5.26 16.93
N ILE B 82 -10.25 5.23 17.56
CA ILE B 82 -9.11 4.53 16.98
C ILE B 82 -9.41 3.04 16.86
N ALA B 83 -10.23 2.51 17.76
CA ALA B 83 -10.60 1.09 17.71
C ALA B 83 -11.22 0.72 16.38
N GLY B 84 -12.03 1.62 15.81
CA GLY B 84 -12.61 1.36 14.51
C GLY B 84 -11.57 1.41 13.39
N LEU B 85 -10.59 2.32 13.51
CA LEU B 85 -9.51 2.39 12.54
C LEU B 85 -8.74 1.08 12.49
N ALA B 86 -8.40 0.54 13.66
CA ALA B 86 -7.62 -0.69 13.72
C ALA B 86 -8.44 -1.87 13.21
N ASN B 87 -9.73 -1.92 13.54
CA ASN B 87 -10.57 -3.01 13.07
C ASN B 87 -10.75 -2.96 11.56
N ALA B 88 -10.88 -1.76 10.99
CA ALA B 88 -10.93 -1.63 9.54
C ALA B 88 -9.57 -1.91 8.92
N TRP B 89 -8.50 -1.55 9.61
CA TRP B 89 -7.15 -1.86 9.14
C TRP B 89 -6.91 -3.38 9.13
N SER B 90 -7.44 -4.08 10.14
CA SER B 90 -7.23 -5.53 10.22
C SER B 90 -8.01 -6.27 9.15
N ASN B 91 -9.16 -5.74 8.74
CA ASN B 91 -10.02 -6.40 7.77
C ASN B 91 -9.93 -5.78 6.38
N ASN B 92 -9.11 -4.75 6.20
CA ASN B 92 -9.00 -4.03 4.93
C ASN B 92 -10.37 -3.52 4.48
N TRP B 93 -11.04 -2.79 5.39
CA TRP B 93 -12.35 -2.21 5.15
C TRP B 93 -12.23 -0.70 4.98
N PRO B 94 -12.95 -0.11 4.01
CA PRO B 94 -12.90 1.34 3.83
C PRO B 94 -13.66 2.05 4.95
N MET B 95 -13.01 3.05 5.55
CA MET B 95 -13.57 3.74 6.70
C MET B 95 -12.84 5.05 6.88
N ILE B 96 -13.57 6.08 7.32
CA ILE B 96 -13.00 7.40 7.58
C ILE B 96 -13.40 7.83 8.98
N LEU B 97 -12.41 8.17 9.80
CA LEU B 97 -12.64 8.77 11.10
C LEU B 97 -12.39 10.27 10.99
N ILE B 98 -13.44 11.06 11.20
CA ILE B 98 -13.33 12.51 11.22
C ILE B 98 -13.24 12.94 12.67
N GLY B 99 -12.07 13.42 13.08
CA GLY B 99 -11.81 13.82 14.45
C GLY B 99 -11.60 15.32 14.55
N GLY B 100 -12.35 15.94 15.46
CA GLY B 100 -12.13 17.34 15.75
C GLY B 100 -10.79 17.57 16.40
N ALA B 101 -10.38 18.84 16.42
CA ALA B 101 -9.13 19.22 17.06
C ALA B 101 -9.27 20.63 17.60
N ASN B 102 -8.44 20.96 18.59
CA ASN B 102 -8.46 22.30 19.14
C ASN B 102 -8.10 23.33 18.07
N ASP B 103 -8.51 24.58 18.30
CA ASP B 103 -8.24 25.64 17.34
C ASP B 103 -6.74 25.75 17.07
N SER B 104 -6.40 25.95 15.80
CA SER B 104 -5.00 25.90 15.38
C SER B 104 -4.16 26.94 16.11
N TYR B 105 -4.73 28.11 16.36
CA TYR B 105 -3.98 29.19 17.03
C TYR B 105 -3.83 28.97 18.53
N GLN B 106 -4.25 27.82 19.05
CA GLN B 106 -4.07 27.48 20.45
C GLN B 106 -3.13 26.31 20.66
N ASN B 107 -2.48 25.83 19.61
CA ASN B 107 -1.53 24.73 19.75
C ASN B 107 -0.35 25.16 20.62
N GLY B 108 0.15 24.24 21.42
CA GLY B 108 1.22 24.52 22.34
C GLY B 108 0.81 25.20 23.63
N GLN B 109 -0.42 25.68 23.72
CA GLN B 109 -0.91 26.37 24.91
C GLN B 109 -1.51 25.43 25.94
N GLY B 110 -1.66 24.15 25.62
CA GLY B 110 -2.43 23.26 26.47
C GLY B 110 -3.91 23.47 26.24
N ALA B 111 -4.33 23.48 24.98
CA ALA B 111 -5.69 23.78 24.62
C ALA B 111 -6.63 22.65 25.06
N PHE B 112 -7.94 22.92 24.94
CA PHE B 112 -8.95 21.94 25.32
C PHE B 112 -8.85 20.71 24.44
N GLN B 113 -8.47 19.58 25.04
CA GLN B 113 -8.36 18.30 24.34
C GLN B 113 -7.32 18.35 23.22
N GLU B 114 -6.24 19.10 23.46
CA GLU B 114 -5.11 19.09 22.56
C GLU B 114 -4.38 17.76 22.67
N ALA B 115 -4.15 17.11 21.53
CA ALA B 115 -3.57 15.77 21.53
C ALA B 115 -2.95 15.49 20.18
N PRO B 116 -1.91 14.65 20.12
CA PRO B 116 -1.32 14.25 18.82
C PRO B 116 -2.17 13.18 18.13
N GLN B 117 -3.27 13.63 17.54
CA GLN B 117 -4.25 12.71 16.96
C GLN B 117 -3.80 12.12 15.63
N ILE B 118 -3.01 12.87 14.86
CA ILE B 118 -2.47 12.33 13.61
C ILE B 118 -1.58 11.13 13.89
N GLU B 119 -0.62 11.29 14.81
CA GLU B 119 0.29 10.20 15.13
C GLU B 119 -0.39 9.04 15.84
N SER B 120 -1.53 9.29 16.51
CA SER B 120 -2.26 8.21 17.15
C SER B 120 -2.96 7.35 16.11
N ALA B 121 -3.47 7.94 15.04
CA ALA B 121 -4.16 7.19 13.99
C ALA B 121 -3.20 6.59 12.98
N ARG B 122 -1.96 7.06 12.93
CA ARG B 122 -1.02 6.67 11.88
C ARG B 122 -0.84 5.16 11.71
N PRO B 123 -0.69 4.35 12.76
CA PRO B 123 -0.40 2.93 12.54
C PRO B 123 -1.52 2.16 11.84
N TYR B 124 -2.73 2.68 11.79
CA TYR B 124 -3.87 1.91 11.29
C TYR B 124 -4.55 2.55 10.08
N VAL B 125 -4.00 3.63 9.53
CA VAL B 125 -4.64 4.31 8.42
C VAL B 125 -3.73 4.29 7.20
N LYS B 126 -4.35 4.20 6.02
CA LYS B 126 -3.64 4.41 4.77
C LYS B 126 -3.38 5.88 4.50
N TYR B 127 -4.08 6.77 5.21
CA TYR B 127 -4.07 8.19 4.88
C TYR B 127 -4.48 8.97 6.12
N ALA B 128 -3.72 10.02 6.43
CA ALA B 128 -4.03 10.89 7.55
C ALA B 128 -3.64 12.31 7.17
N ALA B 129 -4.55 13.26 7.35
CA ALA B 129 -4.31 14.61 6.90
C ALA B 129 -5.03 15.61 7.79
N ARG B 130 -4.35 16.70 8.10
CA ARG B 130 -4.98 17.87 8.70
C ARG B 130 -5.14 18.93 7.62
N PRO B 131 -6.36 19.21 7.17
CA PRO B 131 -6.55 20.20 6.10
C PRO B 131 -5.89 21.53 6.43
N ASP B 132 -5.08 22.02 5.48
CA ASP B 132 -4.32 23.25 5.70
C ASP B 132 -5.22 24.47 5.75
N SER B 133 -6.33 24.46 5.02
CA SER B 133 -7.19 25.63 4.93
C SER B 133 -8.63 25.18 4.69
N ILE B 134 -9.55 26.13 4.90
CA ILE B 134 -10.97 25.83 4.73
C ILE B 134 -11.30 25.58 3.26
N ALA B 135 -10.76 26.40 2.37
CA ALA B 135 -11.12 26.29 0.95
C ALA B 135 -10.65 24.99 0.31
N ARG B 136 -9.65 24.33 0.88
CA ARG B 136 -9.13 23.09 0.33
C ARG B 136 -9.75 21.86 0.95
N LEU B 137 -10.75 22.01 1.81
CA LEU B 137 -11.41 20.86 2.41
C LEU B 137 -11.93 19.84 1.40
N PRO B 138 -12.55 20.22 0.27
CA PRO B 138 -12.99 19.18 -0.68
C PRO B 138 -11.85 18.36 -1.25
N PHE B 139 -10.64 18.93 -1.36
CA PHE B 139 -9.49 18.16 -1.81
C PHE B 139 -9.20 17.01 -0.86
N TYR B 140 -9.21 17.29 0.45
CA TYR B 140 -8.89 16.26 1.44
C TYR B 140 -10.00 15.23 1.57
N VAL B 141 -11.26 15.64 1.40
CA VAL B 141 -12.36 14.70 1.49
C VAL B 141 -12.31 13.70 0.35
N GLU B 142 -12.11 14.18 -0.88
CA GLU B 142 -12.05 13.28 -2.03
C GLU B 142 -10.82 12.39 -1.96
N GLN B 143 -9.67 12.94 -1.57
CA GLN B 143 -8.45 12.15 -1.51
C GLN B 143 -8.56 11.06 -0.44
N ALA B 144 -9.20 11.37 0.68
CA ALA B 144 -9.37 10.36 1.73
C ALA B 144 -10.33 9.27 1.30
N VAL B 145 -11.45 9.65 0.65
CA VAL B 145 -12.41 8.66 0.19
C VAL B 145 -11.78 7.74 -0.85
N ARG B 146 -11.07 8.33 -1.81
CA ARG B 146 -10.46 7.53 -2.88
C ARG B 146 -9.41 6.58 -2.33
N THR B 147 -8.64 7.02 -1.33
CA THR B 147 -7.59 6.16 -0.78
C THR B 147 -8.18 5.01 0.01
N THR B 148 -9.36 5.19 0.62
CA THR B 148 -9.97 4.11 1.38
C THR B 148 -10.48 2.99 0.48
N ILE B 149 -10.83 3.29 -0.76
CA ILE B 149 -11.48 2.31 -1.63
C ILE B 149 -10.61 1.89 -2.81
N TYR B 150 -9.56 2.64 -3.15
CA TYR B 150 -8.67 2.24 -4.22
C TYR B 150 -7.54 1.38 -3.66
N GLY B 151 -7.06 0.46 -4.49
CA GLY B 151 -6.06 -0.49 -4.02
C GLY B 151 -6.64 -1.40 -2.94
N ARG B 152 -5.78 -1.83 -2.04
CA ARG B 152 -6.25 -2.59 -0.89
C ARG B 152 -7.04 -1.66 0.02
N PRO B 153 -8.34 -1.89 0.23
CA PRO B 153 -9.14 -0.94 1.02
C PRO B 153 -8.62 -0.80 2.43
N GLY B 154 -8.82 0.37 3.00
CA GLY B 154 -8.31 0.64 4.33
C GLY B 154 -8.95 1.87 4.94
N ALA B 155 -8.36 2.32 6.03
CA ALA B 155 -8.91 3.41 6.83
C ALA B 155 -8.16 4.71 6.57
N ALA B 156 -8.84 5.81 6.86
CA ALA B 156 -8.27 7.15 6.74
C ALA B 156 -8.73 8.00 7.92
N TYR B 157 -7.92 9.00 8.27
CA TYR B 157 -8.24 9.90 9.37
C TYR B 157 -8.12 11.34 8.90
N LEU B 158 -9.13 12.15 9.21
CA LEU B 158 -9.15 13.57 8.89
C LEU B 158 -9.14 14.36 10.20
N ASP B 159 -8.11 15.18 10.39
CA ASP B 159 -7.92 15.96 11.60
C ASP B 159 -8.44 17.38 11.34
N LEU B 160 -9.60 17.70 11.89
CA LEU B 160 -10.25 18.98 11.63
C LEU B 160 -10.11 19.92 12.80
N PRO B 161 -9.26 20.95 12.72
CA PRO B 161 -9.21 21.95 13.80
C PRO B 161 -10.52 22.71 13.91
N GLY B 162 -10.81 23.20 15.12
CA GLY B 162 -12.08 23.85 15.37
C GLY B 162 -12.28 25.12 14.57
N ASP B 163 -11.21 25.84 14.26
CA ASP B 163 -11.31 27.06 13.47
C ASP B 163 -11.51 26.78 11.99
N ILE B 164 -11.09 25.62 11.49
CA ILE B 164 -11.40 25.24 10.12
C ILE B 164 -12.88 24.89 10.00
N ILE B 165 -13.47 24.36 11.08
CA ILE B 165 -14.87 23.94 11.05
C ILE B 165 -15.80 25.14 11.12
N SER B 166 -15.55 26.05 12.07
CA SER B 166 -16.45 27.18 12.29
C SER B 166 -16.13 28.39 11.43
N GLY B 167 -14.94 28.43 10.82
CA GLY B 167 -14.61 29.54 9.94
C GLY B 167 -15.38 29.49 8.64
N SER B 168 -15.40 30.63 7.95
CA SER B 168 -16.16 30.76 6.71
C SER B 168 -15.29 31.32 5.61
N VAL B 169 -15.63 30.97 4.37
CA VAL B 169 -15.01 31.51 3.16
C VAL B 169 -16.11 31.77 2.15
N GLU B 170 -15.76 32.53 1.11
CA GLU B 170 -16.69 32.74 0.00
C GLU B 170 -16.89 31.43 -0.77
N GLU B 171 -18.14 31.15 -1.13
CA GLU B 171 -18.43 29.93 -1.89
C GLU B 171 -17.70 29.93 -3.22
N ALA B 172 -17.42 31.11 -3.79
CA ALA B 172 -16.71 31.18 -5.06
C ALA B 172 -15.25 30.74 -4.93
N GLU B 173 -14.71 30.70 -3.72
CA GLU B 173 -13.34 30.24 -3.51
C GLU B 173 -13.21 28.72 -3.57
N VAL B 174 -14.30 27.99 -3.35
CA VAL B 174 -14.25 26.56 -3.08
C VAL B 174 -14.49 25.78 -4.37
N THR B 175 -13.58 24.85 -4.66
CA THR B 175 -13.71 23.91 -5.77
C THR B 175 -14.04 22.54 -5.22
N TYR B 176 -15.05 21.89 -5.80
CA TYR B 176 -15.48 20.57 -5.36
C TYR B 176 -15.14 19.54 -6.42
N PRO B 177 -14.31 18.54 -6.12
CA PRO B 177 -14.05 17.48 -7.11
C PRO B 177 -15.29 16.65 -7.37
N GLY B 178 -15.31 16.02 -8.54
CA GLY B 178 -16.39 15.12 -8.86
C GLY B 178 -16.39 13.89 -7.97
N ARG B 179 -17.52 13.19 -7.97
CA ARG B 179 -17.65 11.98 -7.17
C ARG B 179 -16.62 10.95 -7.60
N CYS B 180 -15.86 10.44 -6.63
CA CYS B 180 -14.82 9.45 -6.89
C CYS B 180 -15.42 8.21 -7.53
N PRO B 181 -15.08 7.90 -8.78
CA PRO B 181 -15.63 6.71 -9.42
C PRO B 181 -15.09 5.44 -8.79
N GLU B 182 -15.79 4.35 -9.03
CA GLU B 182 -15.34 3.06 -8.53
C GLU B 182 -14.03 2.67 -9.21
N PRO B 183 -13.10 2.05 -8.48
CA PRO B 183 -11.80 1.71 -9.07
C PRO B 183 -11.94 0.65 -10.14
N PRO B 184 -11.00 0.58 -11.07
CA PRO B 184 -11.08 -0.45 -12.12
C PRO B 184 -10.80 -1.83 -11.55
N ARG B 185 -11.56 -2.81 -12.04
CA ARG B 185 -11.42 -4.20 -11.60
C ARG B 185 -10.24 -4.81 -12.35
N THR B 186 -9.12 -4.96 -11.65
CA THR B 186 -7.85 -5.29 -12.26
C THR B 186 -7.75 -6.78 -12.59
N LEU B 187 -7.13 -7.08 -13.73
CA LEU B 187 -7.00 -8.44 -14.25
C LEU B 187 -5.63 -9.02 -13.93
N ALA B 188 -5.57 -10.36 -13.93
CA ALA B 188 -4.35 -11.16 -13.81
C ALA B 188 -3.84 -11.53 -15.20
N PRO B 189 -2.52 -11.73 -15.35
CA PRO B 189 -1.98 -12.10 -16.67
C PRO B 189 -2.56 -13.43 -17.15
N GLU B 190 -2.69 -13.54 -18.47
CA GLU B 190 -3.36 -14.70 -19.06
C GLU B 190 -2.57 -15.98 -18.85
N GLU B 191 -1.23 -15.89 -18.77
CA GLU B 191 -0.45 -17.08 -18.49
C GLU B 191 -0.70 -17.60 -17.08
N ASN B 192 -1.06 -16.72 -16.14
CA ASN B 192 -1.39 -17.15 -14.79
C ASN B 192 -2.78 -17.78 -14.74
N ILE B 193 -3.71 -17.26 -15.54
CA ILE B 193 -5.05 -17.87 -15.61
C ILE B 193 -4.95 -19.28 -16.15
N LYS B 194 -4.13 -19.49 -17.19
CA LYS B 194 -3.97 -20.82 -17.75
C LYS B 194 -3.21 -21.74 -16.80
N ALA B 195 -2.19 -21.21 -16.12
CA ALA B 195 -1.44 -22.02 -15.17
C ALA B 195 -2.28 -22.43 -13.97
N ALA B 196 -3.23 -21.58 -13.57
CA ALA B 196 -4.11 -21.93 -12.46
C ALA B 196 -5.02 -23.09 -12.82
N LEU B 197 -5.55 -23.09 -14.05
CA LEU B 197 -6.43 -24.18 -14.46
C LEU B 197 -5.65 -25.44 -14.79
N ALA B 198 -4.42 -25.30 -15.28
CA ALA B 198 -3.59 -26.47 -15.54
C ALA B 198 -3.19 -27.16 -14.25
N ALA B 199 -2.93 -26.39 -13.19
CA ALA B 199 -2.60 -26.98 -11.90
C ALA B 199 -3.79 -27.68 -11.27
N LEU B 200 -5.01 -27.17 -11.50
CA LEU B 200 -6.19 -27.82 -10.98
C LEU B 200 -6.41 -29.20 -11.62
N LYS B 201 -5.96 -29.38 -12.86
CA LYS B 201 -6.13 -30.66 -13.53
C LYS B 201 -5.17 -31.72 -13.00
N THR B 202 -4.09 -31.31 -12.33
CA THR B 202 -3.11 -32.25 -11.78
C THR B 202 -3.40 -32.62 -10.33
N ALA B 203 -4.34 -31.94 -9.68
CA ALA B 203 -4.58 -32.13 -8.26
C ALA B 203 -5.43 -33.37 -8.01
N GLU B 204 -5.05 -34.14 -6.99
CA GLU B 204 -5.83 -35.30 -6.57
C GLU B 204 -6.90 -34.93 -5.55
N ARG B 205 -6.64 -33.92 -4.72
CA ARG B 205 -7.56 -33.51 -3.65
C ARG B 205 -7.67 -31.98 -3.66
N PRO B 206 -8.27 -31.41 -4.69
CA PRO B 206 -8.36 -29.95 -4.77
C PRO B 206 -9.43 -29.38 -3.85
N LEU B 207 -9.28 -28.09 -3.55
CA LEU B 207 -10.18 -27.42 -2.62
C LEU B 207 -10.22 -25.93 -2.94
N VAL B 208 -11.41 -25.34 -2.88
CA VAL B 208 -11.61 -23.91 -3.06
C VAL B 208 -11.95 -23.31 -1.70
N ILE B 209 -11.35 -22.17 -1.39
CA ILE B 209 -11.65 -21.43 -0.16
C ILE B 209 -12.17 -20.05 -0.54
N VAL B 210 -13.38 -19.75 -0.09
CA VAL B 210 -14.08 -18.52 -0.44
C VAL B 210 -14.05 -17.61 0.78
N GLY B 211 -13.29 -16.51 0.69
CA GLY B 211 -13.16 -15.56 1.78
C GLY B 211 -14.01 -14.33 1.56
N LYS B 212 -13.95 -13.43 2.55
CA LYS B 212 -14.72 -12.19 2.49
C LYS B 212 -14.11 -11.16 1.56
N GLY B 213 -12.93 -11.45 0.99
CA GLY B 213 -12.43 -10.62 -0.09
C GLY B 213 -13.26 -10.77 -1.35
N ALA B 214 -13.71 -12.00 -1.64
CA ALA B 214 -14.65 -12.19 -2.73
C ALA B 214 -16.01 -11.57 -2.42
N ALA B 215 -16.40 -11.58 -1.15
CA ALA B 215 -17.66 -10.94 -0.76
C ALA B 215 -17.59 -9.43 -0.96
N TYR B 216 -16.49 -8.81 -0.51
CA TYR B 216 -16.33 -7.38 -0.70
C TYR B 216 -16.24 -7.01 -2.18
N SER B 217 -15.66 -7.88 -3.00
CA SER B 217 -15.53 -7.63 -4.43
C SER B 217 -16.84 -7.79 -5.18
N ARG B 218 -17.95 -8.11 -4.49
CA ARG B 218 -19.24 -8.36 -5.12
C ARG B 218 -19.13 -9.44 -6.21
N ALA B 219 -18.34 -10.47 -5.91
CA ALA B 219 -18.01 -11.50 -6.89
C ALA B 219 -18.82 -12.77 -6.70
N GLU B 220 -19.97 -12.69 -6.02
CA GLU B 220 -20.71 -13.91 -5.68
C GLU B 220 -21.20 -14.63 -6.93
N ASP B 221 -21.57 -13.89 -7.97
CA ASP B 221 -22.06 -14.53 -9.19
C ASP B 221 -20.94 -15.31 -9.89
N GLU B 222 -19.80 -14.65 -10.13
CA GLU B 222 -18.70 -15.33 -10.81
C GLU B 222 -18.13 -16.47 -9.97
N VAL B 223 -18.13 -16.33 -8.64
CA VAL B 223 -17.56 -17.36 -7.79
C VAL B 223 -18.42 -18.62 -7.82
N ARG B 224 -19.75 -18.46 -7.72
CA ARG B 224 -20.62 -19.64 -7.76
C ARG B 224 -20.53 -20.33 -9.11
N LYS B 225 -20.48 -19.57 -10.20
CA LYS B 225 -20.36 -20.17 -11.52
C LYS B 225 -19.05 -20.94 -11.67
N PHE B 226 -17.99 -20.43 -11.05
CA PHE B 226 -16.70 -21.12 -11.11
C PHE B 226 -16.75 -22.45 -10.36
N VAL B 227 -17.33 -22.45 -9.15
CA VAL B 227 -17.39 -23.66 -8.34
C VAL B 227 -18.30 -24.70 -8.98
N GLU B 228 -19.41 -24.26 -9.57
CA GLU B 228 -20.34 -25.21 -10.18
C GLU B 228 -19.82 -25.76 -11.50
N THR B 229 -19.15 -24.93 -12.31
CA THR B 229 -18.58 -25.42 -13.55
C THR B 229 -17.46 -26.43 -13.29
N THR B 230 -16.60 -26.13 -12.32
CA THR B 230 -15.50 -27.03 -11.98
C THR B 230 -15.95 -28.20 -11.11
N GLY B 231 -17.09 -28.07 -10.43
CA GLY B 231 -17.52 -29.10 -9.51
C GLY B 231 -16.60 -29.33 -8.34
N LEU B 232 -15.81 -28.31 -7.97
CA LEU B 232 -14.83 -28.46 -6.90
C LEU B 232 -15.49 -28.31 -5.53
N PRO B 233 -15.05 -29.06 -4.53
CA PRO B 233 -15.50 -28.80 -3.17
C PRO B 233 -14.93 -27.47 -2.68
N TYR B 234 -15.74 -26.74 -1.91
CA TYR B 234 -15.34 -25.43 -1.44
C TYR B 234 -15.58 -25.30 0.06
N LEU B 235 -14.75 -24.47 0.69
CA LEU B 235 -14.88 -24.13 2.11
C LEU B 235 -15.01 -22.62 2.21
N ALA B 236 -16.08 -22.16 2.84
CA ALA B 236 -16.29 -20.74 3.05
C ALA B 236 -15.61 -20.29 4.34
N SER B 237 -15.03 -19.09 4.31
CA SER B 237 -14.47 -18.48 5.50
C SER B 237 -15.62 -18.02 6.39
N PRO B 238 -15.35 -17.67 7.66
CA PRO B 238 -16.43 -17.23 8.55
C PRO B 238 -17.32 -16.15 7.97
N MET B 239 -16.75 -15.05 7.48
CA MET B 239 -17.55 -14.02 6.81
C MET B 239 -17.63 -14.21 5.31
N GLY B 240 -17.03 -15.28 4.78
CA GLY B 240 -17.18 -15.64 3.38
C GLY B 240 -18.38 -16.50 3.08
N LYS B 241 -19.01 -17.06 4.10
CA LYS B 241 -20.21 -17.84 3.88
C LYS B 241 -21.35 -16.93 3.42
N GLY B 242 -22.20 -17.46 2.54
CA GLY B 242 -23.23 -16.71 1.88
C GLY B 242 -22.88 -16.30 0.45
N VAL B 243 -21.59 -16.10 0.16
CA VAL B 243 -21.16 -15.87 -1.21
C VAL B 243 -21.66 -17.01 -2.11
N ILE B 244 -21.44 -18.24 -1.67
CA ILE B 244 -22.19 -19.39 -2.19
C ILE B 244 -23.17 -19.77 -1.07
N PRO B 245 -24.43 -20.04 -1.38
CA PRO B 245 -25.38 -20.42 -0.33
C PRO B 245 -24.87 -21.59 0.49
N ASP B 246 -24.97 -21.47 1.81
CA ASP B 246 -24.39 -22.47 2.71
C ASP B 246 -25.03 -23.84 2.60
N ASP B 247 -26.19 -23.95 1.94
CA ASP B 247 -26.81 -25.23 1.67
C ASP B 247 -26.37 -25.83 0.34
N HIS B 248 -25.31 -25.30 -0.27
CA HIS B 248 -24.84 -25.81 -1.54
C HIS B 248 -24.31 -27.23 -1.39
N PRO B 249 -24.58 -28.12 -2.35
CA PRO B 249 -24.14 -29.51 -2.21
C PRO B 249 -22.63 -29.69 -2.19
N GLN B 250 -21.87 -28.73 -2.72
CA GLN B 250 -20.42 -28.86 -2.81
C GLN B 250 -19.68 -28.25 -1.62
N SER B 251 -20.41 -27.78 -0.61
CA SER B 251 -19.77 -27.27 0.60
C SER B 251 -19.28 -28.41 1.47
N ILE B 252 -18.05 -28.28 1.98
CA ILE B 252 -17.47 -29.29 2.84
C ILE B 252 -17.22 -28.70 4.22
N ALA B 253 -18.08 -27.76 4.63
CA ALA B 253 -17.88 -27.07 5.91
C ALA B 253 -17.89 -28.04 7.08
N ALA B 254 -18.68 -29.10 7.01
CA ALA B 254 -18.74 -30.11 8.07
C ALA B 254 -17.54 -31.05 8.07
N ALA B 255 -16.56 -30.81 7.21
CA ALA B 255 -15.33 -31.59 7.16
C ALA B 255 -14.13 -30.67 7.02
N ARG B 256 -14.14 -29.56 7.78
CA ARG B 256 -13.16 -28.50 7.56
C ARG B 256 -11.75 -28.98 7.90
N SER B 257 -11.57 -29.59 9.08
CA SER B 257 -10.24 -30.02 9.48
C SER B 257 -9.68 -31.08 8.54
N PHE B 258 -10.52 -32.05 8.14
CA PHE B 258 -10.07 -33.08 7.21
C PHE B 258 -9.70 -32.48 5.86
N ALA B 259 -10.47 -31.50 5.39
CA ALA B 259 -10.22 -30.93 4.07
C ALA B 259 -8.92 -30.15 4.04
N LEU B 260 -8.68 -29.30 5.05
CA LEU B 260 -7.44 -28.53 5.08
C LEU B 260 -6.22 -29.41 5.27
N GLN B 261 -6.37 -30.51 6.01
CA GLN B 261 -5.22 -31.36 6.33
C GLN B 261 -4.80 -32.23 5.15
N ASN B 262 -5.71 -32.53 4.23
CA ASN B 262 -5.44 -33.49 3.18
C ASN B 262 -5.44 -32.92 1.77
N THR B 263 -5.86 -31.67 1.57
CA THR B 263 -5.88 -31.11 0.24
C THR B 263 -4.45 -30.89 -0.27
N ASP B 264 -4.25 -31.13 -1.56
CA ASP B 264 -2.95 -30.93 -2.19
C ASP B 264 -2.91 -29.69 -3.06
N LEU B 265 -4.03 -29.00 -3.23
CA LEU B 265 -4.07 -27.77 -4.00
C LEU B 265 -5.27 -26.96 -3.55
N VAL B 266 -5.04 -25.73 -3.09
CA VAL B 266 -6.09 -24.87 -2.56
C VAL B 266 -6.13 -23.59 -3.38
N VAL B 267 -7.34 -23.10 -3.64
CA VAL B 267 -7.56 -21.85 -4.35
C VAL B 267 -8.11 -20.85 -3.34
N LEU B 268 -7.27 -19.89 -2.95
CA LEU B 268 -7.66 -18.85 -2.00
C LEU B 268 -8.33 -17.72 -2.78
N MET B 269 -9.66 -17.67 -2.73
CA MET B 269 -10.43 -16.65 -3.41
C MET B 269 -10.77 -15.56 -2.40
N GLY B 270 -9.87 -14.58 -2.29
CA GLY B 270 -10.05 -13.48 -1.35
C GLY B 270 -9.97 -13.91 0.10
N ALA B 271 -9.04 -14.80 0.43
CA ALA B 271 -8.85 -15.25 1.80
C ALA B 271 -7.37 -15.33 2.10
N ARG B 272 -6.99 -14.89 3.30
CA ARG B 272 -5.59 -14.84 3.69
C ARG B 272 -5.17 -16.14 4.38
N MET B 273 -3.92 -16.52 4.15
CA MET B 273 -3.32 -17.65 4.85
C MET B 273 -2.81 -17.18 6.21
N ASN B 274 -3.67 -16.52 6.98
CA ASN B 274 -3.28 -15.97 8.27
C ASN B 274 -3.70 -16.89 9.42
N TRP B 275 -3.93 -16.32 10.60
CA TRP B 275 -4.30 -17.13 11.75
C TRP B 275 -5.62 -17.86 11.53
N MET B 276 -6.54 -17.25 10.77
CA MET B 276 -7.83 -17.87 10.56
C MET B 276 -7.72 -19.16 9.75
N MET B 277 -6.73 -19.25 8.87
CA MET B 277 -6.46 -20.46 8.11
C MET B 277 -5.23 -21.20 8.62
N HIS B 278 -4.82 -20.93 9.86
CA HIS B 278 -3.72 -21.64 10.52
C HIS B 278 -2.40 -21.51 9.76
N PHE B 279 -2.22 -20.37 9.08
CA PHE B 279 -1.00 -20.00 8.37
C PHE B 279 -0.68 -20.96 7.23
N GLY B 280 -1.60 -21.85 6.87
CA GLY B 280 -1.34 -22.81 5.81
C GLY B 280 -0.22 -23.79 6.11
N GLN B 281 0.10 -24.00 7.37
CA GLN B 281 1.23 -24.81 7.79
C GLN B 281 0.79 -26.07 8.51
N PRO B 282 1.62 -27.10 8.54
CA PRO B 282 1.29 -28.30 9.33
C PRO B 282 1.22 -27.97 10.81
N PRO B 283 0.50 -28.77 11.60
CA PRO B 283 -0.22 -30.01 11.23
C PRO B 283 -1.59 -29.76 10.63
N ARG B 284 -2.07 -28.51 10.60
CA ARG B 284 -3.39 -28.23 10.06
C ARG B 284 -3.43 -28.38 8.54
N TRP B 285 -2.29 -28.27 7.87
CA TRP B 285 -2.20 -28.48 6.43
C TRP B 285 -1.11 -29.51 6.15
N ASN B 286 -1.07 -29.99 4.90
CA ASN B 286 0.04 -30.81 4.47
C ASN B 286 1.25 -29.92 4.17
N GLU B 287 2.44 -30.44 4.46
CA GLU B 287 3.65 -29.66 4.32
C GLU B 287 3.93 -29.26 2.88
N LYS B 288 3.39 -29.99 1.91
CA LYS B 288 3.65 -29.74 0.50
C LYS B 288 2.39 -29.28 -0.25
N VAL B 289 1.50 -28.59 0.45
CA VAL B 289 0.27 -28.11 -0.19
C VAL B 289 0.60 -27.02 -1.20
N ARG B 290 -0.08 -27.05 -2.33
CA ARG B 290 0.10 -26.08 -3.40
C ARG B 290 -0.99 -25.02 -3.31
N VAL B 291 -0.64 -23.77 -3.62
CA VAL B 291 -1.52 -22.64 -3.38
C VAL B 291 -1.70 -21.85 -4.66
N ILE B 292 -2.96 -21.67 -5.06
CA ILE B 292 -3.36 -20.66 -6.05
C ILE B 292 -4.03 -19.54 -5.28
N GLN B 293 -3.44 -18.36 -5.30
CA GLN B 293 -3.87 -17.25 -4.45
C GLN B 293 -4.44 -16.12 -5.29
N MET B 294 -5.68 -15.72 -4.96
CA MET B 294 -6.37 -14.63 -5.63
C MET B 294 -6.56 -13.50 -4.61
N ASP B 295 -5.89 -12.38 -4.84
CA ASP B 295 -5.91 -11.29 -3.88
C ASP B 295 -5.54 -9.99 -4.58
N ILE B 296 -6.19 -8.90 -4.18
CA ILE B 296 -5.89 -7.60 -4.78
C ILE B 296 -4.57 -7.04 -4.25
N SER B 297 -4.10 -7.53 -3.11
CA SER B 297 -2.85 -7.08 -2.52
C SER B 297 -1.73 -8.00 -2.98
N ALA B 298 -0.81 -7.46 -3.77
CA ALA B 298 0.34 -8.26 -4.21
C ALA B 298 1.26 -8.60 -3.06
N GLU B 299 1.39 -7.70 -2.07
CA GLU B 299 2.25 -7.96 -0.92
C GLU B 299 1.78 -9.18 -0.13
N GLU B 300 0.48 -9.47 -0.16
CA GLU B 300 -0.06 -10.62 0.56
C GLU B 300 0.31 -11.94 -0.09
N ILE B 301 0.66 -11.93 -1.38
CA ILE B 301 0.95 -13.18 -2.09
C ILE B 301 2.15 -13.86 -1.47
N GLY B 302 1.99 -15.15 -1.17
CA GLY B 302 3.09 -15.95 -0.68
C GLY B 302 3.40 -15.82 0.79
N THR B 303 2.47 -15.29 1.58
CA THR B 303 2.70 -15.17 3.01
C THR B 303 2.65 -16.53 3.68
N ASN B 304 3.65 -16.83 4.52
CA ASN B 304 3.73 -18.05 5.32
C ASN B 304 4.03 -19.29 4.48
N VAL B 305 3.32 -19.47 3.37
CA VAL B 305 3.58 -20.61 2.49
C VAL B 305 3.72 -20.09 1.06
N PRO B 306 4.57 -20.69 0.24
CA PRO B 306 4.77 -20.17 -1.12
C PRO B 306 3.54 -20.37 -1.99
N THR B 307 3.37 -19.43 -2.92
CA THR B 307 2.24 -19.46 -3.86
C THR B 307 2.75 -19.95 -5.21
N GLU B 308 2.11 -21.00 -5.74
CA GLU B 308 2.52 -21.54 -7.03
C GLU B 308 1.99 -20.70 -8.18
N VAL B 309 0.76 -20.19 -8.07
CA VAL B 309 0.14 -19.37 -9.11
C VAL B 309 -0.46 -18.16 -8.42
N ALA B 310 0.12 -16.98 -8.69
CA ALA B 310 -0.35 -15.74 -8.08
C ALA B 310 -1.36 -15.06 -9.00
N LEU B 311 -2.56 -14.82 -8.47
CA LEU B 311 -3.63 -14.15 -9.21
C LEU B 311 -3.90 -12.82 -8.50
N VAL B 312 -3.11 -11.80 -8.86
CA VAL B 312 -3.22 -10.49 -8.24
C VAL B 312 -4.23 -9.66 -9.02
N GLY B 313 -5.22 -9.13 -8.32
CA GLY B 313 -6.21 -8.28 -8.93
C GLY B 313 -7.54 -8.40 -8.23
N ASP B 314 -8.57 -7.87 -8.88
CA ASP B 314 -9.92 -7.92 -8.34
C ASP B 314 -10.50 -9.32 -8.43
N ALA B 315 -11.18 -9.74 -7.36
CA ALA B 315 -11.68 -11.12 -7.30
C ALA B 315 -12.75 -11.37 -8.36
N LYS B 316 -13.64 -10.39 -8.58
CA LYS B 316 -14.70 -10.57 -9.57
C LYS B 316 -14.13 -10.64 -10.99
N ALA B 317 -13.17 -9.76 -11.29
CA ALA B 317 -12.61 -9.73 -12.64
C ALA B 317 -11.73 -10.94 -12.91
N ILE B 318 -10.97 -11.39 -11.91
CA ILE B 318 -10.12 -12.56 -12.09
C ILE B 318 -10.95 -13.83 -12.23
N THR B 319 -11.98 -13.97 -11.39
CA THR B 319 -12.86 -15.13 -11.50
C THR B 319 -13.60 -15.14 -12.83
N ALA B 320 -13.90 -13.96 -13.38
CA ALA B 320 -14.47 -13.90 -14.72
C ALA B 320 -13.48 -14.37 -15.77
N GLN B 321 -12.18 -14.14 -15.54
CA GLN B 321 -11.17 -14.67 -16.46
C GLN B 321 -11.13 -16.19 -16.40
N LEU B 322 -11.22 -16.77 -15.21
CA LEU B 322 -11.21 -18.22 -15.08
C LEU B 322 -12.40 -18.84 -15.78
N ASN B 323 -13.59 -18.25 -15.61
CA ASN B 323 -14.79 -18.78 -16.25
C ASN B 323 -14.73 -18.63 -17.77
N ALA B 324 -14.10 -17.57 -18.27
CA ALA B 324 -13.99 -17.38 -19.71
C ALA B 324 -13.05 -18.41 -20.33
N GLU B 325 -11.93 -18.70 -19.65
CA GLU B 325 -11.02 -19.73 -20.15
C GLU B 325 -11.61 -21.12 -19.99
N LEU B 326 -12.43 -21.34 -18.95
CA LEU B 326 -13.12 -22.61 -18.80
C LEU B 326 -14.15 -22.83 -19.90
N GLU B 327 -14.70 -21.74 -20.46
CA GLU B 327 -15.59 -21.89 -21.59
C GLU B 327 -14.84 -22.25 -22.87
N LYS B 328 -13.59 -21.81 -22.99
CA LYS B 328 -12.78 -22.17 -24.16
C LYS B 328 -12.21 -23.58 -24.04
N ASN B 329 -11.81 -23.98 -22.83
CA ASN B 329 -11.29 -25.33 -22.57
C ASN B 329 -12.02 -25.90 -21.37
N PRO B 330 -13.14 -26.57 -21.59
CA PRO B 330 -13.97 -27.05 -20.48
C PRO B 330 -13.24 -28.10 -19.63
N TRP B 331 -13.47 -28.04 -18.34
CA TRP B 331 -12.92 -29.00 -17.39
C TRP B 331 -13.76 -28.98 -16.12
N SER B 332 -13.90 -30.15 -15.50
CA SER B 332 -14.61 -30.26 -14.24
C SER B 332 -14.03 -31.42 -13.46
N TYR B 333 -14.01 -31.28 -12.14
CA TYR B 333 -13.53 -32.32 -11.24
C TYR B 333 -14.56 -33.45 -11.18
N PRO B 334 -14.09 -34.71 -11.27
CA PRO B 334 -15.03 -35.84 -11.25
C PRO B 334 -15.80 -35.91 -9.93
N SER B 335 -17.09 -36.20 -10.04
CA SER B 335 -17.96 -36.27 -8.87
C SER B 335 -17.79 -37.54 -8.06
N GLU B 336 -17.10 -38.54 -8.59
CA GLU B 336 -16.89 -39.81 -7.90
C GLU B 336 -15.38 -40.05 -7.76
N THR B 337 -14.82 -39.57 -6.64
CA THR B 337 -13.42 -39.78 -6.33
C THR B 337 -13.31 -40.18 -4.86
N THR B 338 -12.16 -40.75 -4.50
CA THR B 338 -11.90 -41.05 -3.09
C THR B 338 -11.81 -39.77 -2.26
N TRP B 339 -11.45 -38.65 -2.89
CA TRP B 339 -11.47 -37.37 -2.20
C TRP B 339 -12.89 -36.99 -1.80
N TRP B 340 -13.84 -37.13 -2.74
CA TRP B 340 -15.25 -36.89 -2.40
C TRP B 340 -15.74 -37.89 -1.38
N THR B 341 -15.37 -39.17 -1.53
CA THR B 341 -15.81 -40.20 -0.60
C THR B 341 -15.32 -39.90 0.81
N GLY B 342 -14.04 -39.54 0.94
CA GLY B 342 -13.52 -39.19 2.26
C GLY B 342 -14.15 -37.94 2.83
N LEU B 343 -14.46 -36.95 1.97
CA LEU B 343 -15.12 -35.74 2.44
C LEU B 343 -16.51 -36.03 2.94
N GLN B 344 -17.34 -36.71 2.13
CA GLN B 344 -18.71 -36.99 2.53
C GLN B 344 -18.76 -37.91 3.74
N SER B 345 -17.79 -38.82 3.87
CA SER B 345 -17.73 -39.66 5.07
C SER B 345 -17.47 -38.84 6.31
N LYS B 346 -16.63 -37.81 6.19
CA LYS B 346 -16.37 -36.93 7.34
C LYS B 346 -17.55 -36.01 7.62
N ILE B 347 -18.29 -35.62 6.59
CA ILE B 347 -19.47 -34.78 6.78
C ILE B 347 -20.56 -35.55 7.50
N ALA B 348 -20.75 -36.82 7.14
CA ALA B 348 -21.77 -37.64 7.77
C ALA B 348 -21.43 -37.96 9.22
N ALA B 349 -20.14 -38.13 9.52
CA ALA B 349 -19.74 -38.44 10.90
C ALA B 349 -19.97 -37.25 11.82
N ASN B 350 -19.61 -36.04 11.39
CA ASN B 350 -19.85 -34.86 12.21
C ASN B 350 -21.34 -34.50 12.25
N ALA B 351 -22.09 -34.85 11.21
CA ALA B 351 -23.53 -34.62 11.22
C ALA B 351 -24.21 -35.44 12.30
N ALA B 352 -23.84 -36.73 12.41
CA ALA B 352 -24.40 -37.58 13.45
C ALA B 352 -23.90 -37.20 14.83
N THR B 353 -22.74 -36.55 14.93
CA THR B 353 -22.24 -36.11 16.23
C THR B 353 -23.07 -34.96 16.78
N VAL B 354 -23.39 -33.98 15.94
CA VAL B 354 -24.15 -32.81 16.38
C VAL B 354 -25.65 -33.03 16.38
N GLU B 355 -26.13 -34.12 15.77
CA GLU B 355 -27.56 -34.37 15.73
C GLU B 355 -28.19 -34.48 17.11
N PRO B 356 -27.65 -35.25 18.07
CA PRO B 356 -28.28 -35.27 19.39
C PRO B 356 -28.15 -33.96 20.14
N MET B 357 -27.12 -33.16 19.85
CA MET B 357 -26.97 -31.87 20.52
C MET B 357 -28.11 -30.92 20.15
N PHE B 358 -28.60 -30.98 18.92
CA PHE B 358 -29.71 -30.13 18.51
C PHE B 358 -31.00 -30.49 19.26
N ASN B 359 -31.16 -31.75 19.63
CA ASN B 359 -32.39 -32.23 20.27
C ASN B 359 -32.22 -32.47 21.76
N ASP B 360 -31.18 -31.92 22.37
CA ASP B 360 -30.95 -32.05 23.80
C ASP B 360 -31.77 -30.99 24.53
N ASP B 361 -32.77 -31.43 25.30
CA ASP B 361 -33.64 -30.53 26.04
C ASP B 361 -33.23 -30.36 27.50
N SER B 362 -31.95 -30.58 27.81
CA SER B 362 -31.48 -30.43 29.18
C SER B 362 -31.58 -28.98 29.64
N VAL B 363 -31.75 -28.80 30.94
CA VAL B 363 -31.79 -27.46 31.55
C VAL B 363 -30.76 -27.42 32.66
N PRO B 364 -29.82 -26.45 32.67
CA PRO B 364 -29.64 -25.34 31.71
C PRO B 364 -29.34 -25.83 30.30
N MET B 365 -29.79 -25.07 29.29
CA MET B 365 -29.73 -25.52 27.91
C MET B 365 -28.32 -25.44 27.35
N GLY B 366 -28.13 -26.03 26.16
CA GLY B 366 -26.86 -26.01 25.48
C GLY B 366 -26.89 -25.10 24.26
N TYR B 367 -25.69 -24.84 23.72
CA TYR B 367 -25.57 -23.97 22.56
C TYR B 367 -26.39 -24.46 21.38
N TYR B 368 -26.27 -25.74 21.05
CA TYR B 368 -26.89 -26.27 19.85
C TYR B 368 -28.41 -26.28 19.95
N ARG B 369 -28.95 -26.55 21.14
CA ARG B 369 -30.39 -26.51 21.31
C ARG B 369 -30.94 -25.09 21.14
N VAL B 370 -30.22 -24.10 21.67
CA VAL B 370 -30.69 -22.72 21.58
C VAL B 370 -30.58 -22.21 20.14
N LEU B 371 -29.43 -22.43 19.50
CA LEU B 371 -29.22 -21.94 18.15
C LEU B 371 -30.11 -22.62 17.13
N ARG B 372 -30.61 -23.82 17.42
CA ARG B 372 -31.51 -24.49 16.49
C ARG B 372 -32.80 -23.70 16.31
N ASP B 373 -33.38 -23.20 17.41
CA ASP B 373 -34.61 -22.42 17.31
C ASP B 373 -34.34 -21.02 16.78
N ILE B 374 -33.14 -20.49 17.01
CA ILE B 374 -32.77 -19.22 16.38
C ILE B 374 -32.61 -19.40 14.87
N ARG B 375 -31.98 -20.51 14.46
CA ARG B 375 -31.75 -20.76 13.05
C ARG B 375 -33.06 -20.87 12.28
N ASP B 376 -34.05 -21.54 12.85
CA ASP B 376 -35.30 -21.81 12.13
C ASP B 376 -36.22 -20.61 12.05
N LEU B 377 -35.90 -19.50 12.73
CA LEU B 377 -36.72 -18.30 12.69
C LEU B 377 -36.06 -17.14 11.95
N ILE B 378 -34.79 -17.25 11.61
CA ILE B 378 -34.11 -16.17 10.89
C ILE B 378 -34.59 -16.14 9.44
N PRO B 379 -35.06 -15.01 8.93
CA PRO B 379 -35.41 -14.93 7.50
C PRO B 379 -34.20 -15.17 6.63
N LYS B 380 -34.44 -15.69 5.43
CA LYS B 380 -33.34 -16.06 4.53
C LYS B 380 -32.53 -14.84 4.11
N ASP B 381 -33.15 -13.67 4.03
CA ASP B 381 -32.47 -12.45 3.61
C ASP B 381 -32.04 -11.58 4.78
N ALA B 382 -32.14 -12.08 6.01
CA ALA B 382 -31.77 -11.28 7.17
C ALA B 382 -30.26 -11.18 7.30
N ILE B 383 -29.81 -10.10 7.95
CA ILE B 383 -28.40 -9.89 8.26
C ILE B 383 -28.14 -10.39 9.67
N ILE B 384 -27.04 -11.12 9.85
CA ILE B 384 -26.70 -11.74 11.13
C ILE B 384 -25.47 -11.04 11.69
N SER B 385 -25.61 -10.50 12.90
CA SER B 385 -24.49 -9.96 13.67
C SER B 385 -24.22 -10.94 14.81
N ASN B 386 -23.13 -11.70 14.70
CA ASN B 386 -22.83 -12.80 15.62
C ASN B 386 -21.50 -12.50 16.28
N GLU B 387 -21.50 -12.39 17.62
CA GLU B 387 -20.33 -11.95 18.35
C GLU B 387 -20.18 -12.74 19.64
N GLY B 388 -18.95 -13.00 20.04
CA GLY B 388 -18.63 -13.74 21.23
C GLY B 388 -17.56 -14.76 20.95
N ALA B 389 -17.45 -15.75 21.83
CA ALA B 389 -16.51 -16.85 21.60
C ALA B 389 -17.26 -18.07 21.09
N SER B 390 -17.73 -18.93 22.01
CA SER B 390 -18.50 -20.09 21.58
C SER B 390 -19.83 -19.69 20.95
N THR B 391 -20.44 -18.61 21.43
CA THR B 391 -21.66 -18.12 20.81
C THR B 391 -21.44 -17.77 19.35
N MET B 392 -20.28 -17.17 19.05
CA MET B 392 -19.97 -16.80 17.66
C MET B 392 -19.45 -18.00 16.87
N ASP B 393 -18.66 -18.86 17.51
CA ASP B 393 -18.06 -19.98 16.78
C ASP B 393 -19.10 -21.04 16.43
N ILE B 394 -19.95 -21.40 17.39
CA ILE B 394 -20.99 -22.38 17.10
C ILE B 394 -22.07 -21.77 16.21
N GLY B 395 -22.39 -20.49 16.44
CA GLY B 395 -23.31 -19.79 15.55
C GLY B 395 -22.79 -19.71 14.13
N ARG B 396 -21.46 -19.71 13.95
CA ARG B 396 -20.90 -19.71 12.61
C ARG B 396 -21.27 -20.98 11.85
N THR B 397 -21.25 -22.13 12.53
CA THR B 397 -21.55 -23.39 11.86
C THR B 397 -23.05 -23.67 11.81
N VAL B 398 -23.81 -23.20 12.81
CA VAL B 398 -25.22 -23.53 12.89
C VAL B 398 -26.09 -22.55 12.10
N LEU B 399 -25.73 -21.26 12.09
CA LEU B 399 -26.53 -20.25 11.40
C LEU B 399 -26.06 -20.11 9.97
N PRO B 400 -26.84 -20.54 8.97
CA PRO B 400 -26.41 -20.44 7.58
C PRO B 400 -26.71 -19.09 6.96
N ASN B 401 -25.93 -18.74 5.95
CA ASN B 401 -26.13 -17.55 5.15
C ASN B 401 -26.39 -17.96 3.70
N PHE B 402 -27.38 -17.34 3.07
CA PHE B 402 -27.76 -17.67 1.71
C PHE B 402 -27.39 -16.59 0.71
N PHE B 403 -26.95 -15.42 1.17
CA PHE B 403 -26.51 -14.35 0.29
C PHE B 403 -25.20 -13.77 0.85
N ALA B 404 -24.43 -13.15 -0.04
CA ALA B 404 -23.14 -12.61 0.35
C ALA B 404 -23.32 -11.38 1.23
N ARG B 405 -22.34 -11.16 2.11
CA ARG B 405 -22.27 -9.97 2.96
C ARG B 405 -23.48 -9.87 3.89
N THR B 406 -23.95 -11.02 4.38
CA THR B 406 -25.08 -11.06 5.30
C THR B 406 -24.69 -11.58 6.68
N ARG B 407 -23.39 -11.78 6.93
CA ARG B 407 -22.89 -12.14 8.25
C ARG B 407 -21.82 -11.15 8.66
N LEU B 408 -21.93 -10.63 9.89
CA LEU B 408 -20.94 -9.72 10.47
C LEU B 408 -20.54 -10.25 11.82
N ASP B 409 -19.26 -10.59 11.98
CA ASP B 409 -18.75 -11.14 13.22
C ASP B 409 -17.49 -10.39 13.65
N ALA B 410 -16.71 -11.01 14.55
CA ALA B 410 -15.52 -10.36 15.09
C ALA B 410 -14.43 -10.22 14.05
N ALA B 411 -14.48 -11.03 13.00
CA ALA B 411 -13.64 -10.89 11.80
C ALA B 411 -12.17 -11.12 12.16
N THR B 412 -11.26 -10.52 11.38
CA THR B 412 -9.84 -10.87 11.52
C THR B 412 -9.26 -10.45 12.86
N PHE B 413 -9.66 -9.28 13.36
CA PHE B 413 -9.12 -8.79 14.62
C PHE B 413 -9.72 -9.48 15.84
N GLY B 414 -10.70 -10.35 15.64
CA GLY B 414 -11.34 -11.02 16.76
C GLY B 414 -11.86 -10.08 17.82
N THR B 415 -12.53 -9.00 17.40
CA THR B 415 -12.84 -7.89 18.28
C THR B 415 -14.16 -8.11 19.01
N MET B 416 -14.14 -7.94 20.32
CA MET B 416 -15.37 -7.79 21.11
C MET B 416 -15.71 -6.32 21.22
N GLY B 417 -16.99 -6.00 21.05
CA GLY B 417 -17.45 -4.63 21.00
C GLY B 417 -17.97 -4.17 19.66
N VAL B 418 -18.09 -5.07 18.69
CA VAL B 418 -18.55 -4.72 17.35
C VAL B 418 -20.00 -5.13 17.10
N GLY B 419 -20.58 -5.97 17.95
CA GLY B 419 -21.90 -6.55 17.71
C GLY B 419 -23.02 -5.55 17.45
N ALA B 420 -23.31 -4.70 18.44
CA ALA B 420 -24.40 -3.75 18.28
C ALA B 420 -24.10 -2.73 17.19
N GLY B 421 -22.84 -2.29 17.08
CA GLY B 421 -22.49 -1.32 16.06
C GLY B 421 -22.63 -1.86 14.66
N GLN B 422 -22.15 -3.09 14.42
CA GLN B 422 -22.29 -3.68 13.10
C GLN B 422 -23.75 -4.01 12.79
N ALA B 423 -24.56 -4.27 13.82
CA ALA B 423 -25.99 -4.47 13.59
C ALA B 423 -26.66 -3.16 13.18
N ILE B 424 -26.27 -2.05 13.81
CA ILE B 424 -26.79 -0.74 13.43
C ILE B 424 -26.33 -0.37 12.04
N ALA B 425 -25.07 -0.69 11.70
CA ALA B 425 -24.56 -0.44 10.36
C ALA B 425 -25.35 -1.22 9.32
N ALA B 426 -25.68 -2.48 9.62
CA ALA B 426 -26.45 -3.28 8.68
C ALA B 426 -27.87 -2.74 8.54
N ALA B 427 -28.44 -2.22 9.62
CA ALA B 427 -29.80 -1.68 9.57
C ALA B 427 -29.85 -0.40 8.73
N SER B 428 -28.80 0.42 8.80
N SER B 428 -28.79 0.42 8.81
CA SER B 428 -28.77 1.65 8.03
CA SER B 428 -28.76 1.65 8.02
C SER B 428 -28.56 1.37 6.54
C SER B 428 -28.58 1.35 6.54
N VAL B 429 -27.80 0.32 6.21
CA VAL B 429 -27.58 -0.03 4.82
C VAL B 429 -28.78 -0.76 4.25
N HIS B 430 -29.42 -1.62 5.06
CA HIS B 430 -30.56 -2.43 4.63
C HIS B 430 -31.74 -2.12 5.55
N PRO B 431 -32.44 -1.00 5.32
CA PRO B 431 -33.62 -0.69 6.15
C PRO B 431 -34.81 -1.60 5.90
N ASP B 432 -34.81 -2.36 4.80
CA ASP B 432 -35.92 -3.23 4.44
C ASP B 432 -35.71 -4.67 4.90
N ARG B 433 -34.69 -4.93 5.71
CA ARG B 433 -34.35 -6.28 6.14
C ARG B 433 -34.39 -6.35 7.67
N LYS B 434 -34.50 -7.59 8.17
CA LYS B 434 -34.41 -7.84 9.60
C LYS B 434 -32.95 -8.08 9.99
N ILE B 435 -32.54 -7.47 11.09
CA ILE B 435 -31.18 -7.61 11.63
C ILE B 435 -31.27 -8.44 12.90
N ILE B 436 -30.59 -9.58 12.91
CA ILE B 436 -30.57 -10.48 14.06
C ILE B 436 -29.19 -10.39 14.70
N CYS B 437 -29.14 -9.85 15.91
CA CYS B 437 -27.89 -9.70 16.66
C CYS B 437 -27.83 -10.80 17.70
N VAL B 438 -26.87 -11.73 17.53
CA VAL B 438 -26.70 -12.86 18.43
C VAL B 438 -25.35 -12.71 19.12
N GLN B 439 -25.38 -12.34 20.39
CA GLN B 439 -24.17 -12.06 21.16
C GLN B 439 -24.08 -12.98 22.38
N GLY B 440 -22.86 -13.29 22.78
CA GLY B 440 -22.63 -13.82 24.11
C GLY B 440 -22.84 -12.75 25.16
N ASP B 441 -22.99 -13.19 26.41
CA ASP B 441 -23.29 -12.23 27.48
C ASP B 441 -22.13 -11.26 27.71
N SER B 442 -20.90 -11.74 27.58
CA SER B 442 -19.76 -10.83 27.72
C SER B 442 -19.67 -9.88 26.53
N ALA B 443 -19.88 -10.38 25.31
CA ALA B 443 -19.83 -9.52 24.14
C ALA B 443 -20.90 -8.44 24.18
N PHE B 444 -22.06 -8.75 24.77
CA PHE B 444 -23.13 -7.76 24.87
C PHE B 444 -22.73 -6.60 25.75
N GLY B 445 -21.95 -6.86 26.81
CA GLY B 445 -21.59 -5.82 27.75
C GLY B 445 -20.64 -4.78 27.21
N PHE B 446 -19.96 -5.07 26.10
CA PHE B 446 -19.02 -4.11 25.53
C PHE B 446 -19.73 -2.90 24.95
N GLY B 447 -20.96 -3.07 24.48
CA GLY B 447 -21.71 -1.96 23.92
C GLY B 447 -23.20 -2.10 24.14
N GLY B 448 -23.59 -2.56 25.34
CA GLY B 448 -24.99 -2.81 25.62
C GLY B 448 -25.86 -1.58 25.59
N MET B 449 -25.28 -0.41 25.86
CA MET B 449 -26.04 0.83 25.84
C MET B 449 -26.55 1.18 24.44
N GLU B 450 -25.95 0.62 23.40
CA GLU B 450 -26.37 0.93 22.04
C GLU B 450 -27.69 0.29 21.65
N VAL B 451 -28.31 -0.51 22.52
CA VAL B 451 -29.65 -1.00 22.23
C VAL B 451 -30.64 0.15 22.25
N GLU B 452 -30.37 1.19 23.04
CA GLU B 452 -31.20 2.40 23.00
C GLU B 452 -30.98 3.14 21.69
N THR B 453 -29.76 3.14 21.17
CA THR B 453 -29.48 3.80 19.90
C THR B 453 -30.30 3.17 18.77
N ALA B 454 -30.36 1.84 18.72
CA ALA B 454 -31.13 1.18 17.69
C ALA B 454 -32.61 1.49 17.84
N ALA B 455 -33.09 1.61 19.07
CA ALA B 455 -34.51 1.91 19.30
C ALA B 455 -34.82 3.36 18.98
N ARG B 456 -33.88 4.27 19.28
CA ARG B 456 -34.11 5.69 19.02
C ARG B 456 -34.32 5.96 17.54
N TYR B 457 -33.64 5.23 16.67
CA TYR B 457 -33.76 5.41 15.23
C TYR B 457 -34.71 4.40 14.59
N GLY B 458 -35.45 3.65 15.39
CA GLY B 458 -36.45 2.73 14.86
C GLY B 458 -35.89 1.65 13.95
N LEU B 459 -34.72 1.12 14.29
CA LEU B 459 -34.10 0.11 13.46
C LEU B 459 -34.67 -1.27 13.77
N ASN B 460 -34.85 -2.08 12.72
CA ASN B 460 -35.44 -3.41 12.86
C ASN B 460 -34.36 -4.41 13.28
N ILE B 461 -33.94 -4.28 14.53
CA ILE B 461 -32.90 -5.12 15.11
C ILE B 461 -33.48 -5.89 16.29
N THR B 462 -33.15 -7.18 16.36
CA THR B 462 -33.49 -8.02 17.50
C THR B 462 -32.19 -8.46 18.18
N PHE B 463 -32.12 -8.26 19.49
CA PHE B 463 -30.93 -8.57 20.27
C PHE B 463 -31.15 -9.88 21.03
N VAL B 464 -30.34 -10.89 20.73
CA VAL B 464 -30.38 -12.17 21.40
C VAL B 464 -29.08 -12.36 22.16
N ILE B 465 -29.19 -12.65 23.46
CA ILE B 465 -28.02 -12.84 24.32
C ILE B 465 -28.01 -14.30 24.78
N ILE B 466 -26.92 -15.00 24.50
CA ILE B 466 -26.70 -16.36 24.97
C ILE B 466 -25.79 -16.26 26.18
N ASN B 467 -26.34 -16.51 27.37
CA ASN B 467 -25.73 -16.14 28.64
C ASN B 467 -25.32 -17.40 29.39
N ASN B 468 -24.01 -17.53 29.66
CA ASN B 468 -23.49 -18.57 30.54
C ASN B 468 -22.77 -17.99 31.74
N ASN B 469 -23.09 -16.75 32.12
CA ASN B 469 -22.63 -16.08 33.33
C ASN B 469 -21.18 -15.63 33.26
N GLY B 470 -20.62 -15.40 32.07
CA GLY B 470 -19.30 -14.82 32.00
C GLY B 470 -18.61 -15.11 30.67
N ILE B 471 -17.31 -14.82 30.67
CA ILE B 471 -16.44 -15.02 29.51
C ILE B 471 -16.18 -16.52 29.41
N GLY B 472 -16.87 -17.19 28.51
CA GLY B 472 -16.76 -18.64 28.44
C GLY B 472 -17.36 -19.37 29.61
N GLY B 473 -18.25 -18.73 30.34
CA GLY B 473 -18.91 -19.39 31.45
C GLY B 473 -18.56 -18.78 32.79
N GLY B 474 -19.53 -18.78 33.70
CA GLY B 474 -19.32 -18.34 35.06
C GLY B 474 -20.11 -19.21 36.02
N PRO B 475 -19.71 -19.20 37.29
CA PRO B 475 -20.38 -20.07 38.28
C PRO B 475 -21.79 -19.58 38.58
N ASP B 476 -22.61 -20.50 39.10
CA ASP B 476 -23.98 -20.17 39.46
C ASP B 476 -24.04 -19.28 40.70
N GLU B 477 -23.00 -19.27 41.52
CA GLU B 477 -22.96 -18.44 42.73
C GLU B 477 -21.58 -17.82 42.84
N LEU B 478 -21.53 -16.56 43.22
CA LEU B 478 -20.29 -15.79 43.28
C LEU B 478 -19.83 -15.68 44.73
N ASP B 479 -18.69 -16.30 45.03
CA ASP B 479 -18.00 -16.06 46.29
C ASP B 479 -17.47 -14.63 46.28
N PRO B 480 -18.00 -13.73 47.11
CA PRO B 480 -17.60 -12.32 47.02
C PRO B 480 -16.13 -12.07 47.34
N ALA B 481 -15.43 -13.06 47.88
CA ALA B 481 -14.00 -12.91 48.14
C ALA B 481 -13.14 -13.37 46.98
N HIS B 482 -13.55 -14.42 46.26
CA HIS B 482 -12.80 -14.96 45.13
C HIS B 482 -13.73 -14.99 43.91
N ILE B 483 -13.91 -13.84 43.28
CA ILE B 483 -14.73 -13.71 42.08
C ILE B 483 -13.85 -14.02 40.87
N PRO B 484 -14.18 -15.01 40.06
CA PRO B 484 -13.36 -15.32 38.88
C PRO B 484 -13.27 -14.12 37.97
N PRO B 485 -12.08 -13.86 37.40
CA PRO B 485 -11.89 -12.63 36.61
C PRO B 485 -12.79 -12.54 35.39
N GLY B 486 -13.23 -13.67 34.85
CA GLY B 486 -14.10 -13.68 33.69
C GLY B 486 -15.57 -13.87 33.98
N ALA B 487 -15.99 -13.84 35.23
CA ALA B 487 -17.38 -14.09 35.58
C ALA B 487 -18.15 -12.79 35.74
N TYR B 488 -19.47 -12.88 35.60
CA TYR B 488 -20.38 -11.77 35.84
C TYR B 488 -21.44 -12.21 36.83
N THR B 489 -22.37 -11.30 37.12
CA THR B 489 -23.45 -11.62 38.05
C THR B 489 -24.26 -12.80 37.52
N PRO B 490 -24.46 -13.85 38.30
CA PRO B 490 -25.23 -15.01 37.81
C PRO B 490 -26.64 -14.62 37.44
N GLN B 491 -27.07 -15.05 36.26
CA GLN B 491 -28.40 -14.76 35.73
C GLN B 491 -28.66 -13.25 35.69
N ALA B 492 -27.66 -12.51 35.19
CA ALA B 492 -27.84 -11.08 35.00
C ALA B 492 -28.95 -10.81 34.01
N HIS B 493 -29.93 -10.01 34.42
CA HIS B 493 -31.11 -9.75 33.60
C HIS B 493 -30.83 -8.60 32.64
N TYR B 494 -30.05 -8.91 31.60
CA TYR B 494 -29.74 -7.91 30.58
C TYR B 494 -30.99 -7.49 29.81
N GLU B 495 -32.00 -8.36 29.75
CA GLU B 495 -33.21 -8.03 29.01
C GLU B 495 -33.96 -6.85 29.63
N LYS B 496 -33.72 -6.57 30.91
CA LYS B 496 -34.33 -5.41 31.55
C LYS B 496 -33.85 -4.08 30.97
N MET B 497 -32.76 -4.09 30.20
CA MET B 497 -32.32 -2.88 29.52
C MET B 497 -33.28 -2.47 28.41
N ALA B 498 -34.16 -3.38 27.97
CA ALA B 498 -35.19 -3.00 27.01
C ALA B 498 -36.17 -2.01 27.64
N ASP B 499 -36.34 -2.08 28.96
CA ASP B 499 -37.22 -1.13 29.66
C ASP B 499 -36.70 0.29 29.60
N VAL B 500 -35.42 0.48 29.26
CA VAL B 500 -34.85 1.83 29.19
C VAL B 500 -35.58 2.65 28.12
N TYR B 501 -35.84 2.06 26.96
CA TYR B 501 -36.47 2.75 25.86
C TYR B 501 -37.91 2.31 25.62
N GLY B 502 -38.48 1.52 26.54
CA GLY B 502 -39.85 1.08 26.39
C GLY B 502 -40.04 -0.15 25.54
N GLY B 503 -38.98 -0.92 25.29
CA GLY B 503 -39.09 -2.15 24.54
C GLY B 503 -39.50 -3.31 25.44
N LYS B 504 -39.49 -4.50 24.84
CA LYS B 504 -39.86 -5.73 25.53
C LYS B 504 -38.63 -6.60 25.71
N GLY B 505 -38.37 -6.99 26.96
CA GLY B 505 -37.27 -7.89 27.30
C GLY B 505 -37.82 -9.25 27.72
N TYR B 506 -37.11 -10.30 27.33
CA TYR B 506 -37.51 -11.66 27.62
C TYR B 506 -36.38 -12.40 28.32
N PHE B 507 -36.74 -13.24 29.30
CA PHE B 507 -35.80 -14.06 30.03
C PHE B 507 -36.16 -15.53 29.77
N VAL B 508 -35.19 -16.29 29.24
CA VAL B 508 -35.44 -17.64 28.77
C VAL B 508 -34.51 -18.60 29.50
N THR B 509 -35.07 -19.70 30.01
CA THR B 509 -34.30 -20.75 30.65
C THR B 509 -34.65 -22.16 30.18
N THR B 510 -35.84 -22.38 29.62
CA THR B 510 -36.28 -23.71 29.25
C THR B 510 -36.57 -23.79 27.76
N PRO B 511 -36.42 -24.97 27.15
CA PRO B 511 -36.54 -25.06 25.68
C PRO B 511 -37.92 -24.72 25.15
N ASP B 512 -38.98 -24.92 25.93
CA ASP B 512 -40.32 -24.58 25.47
C ASP B 512 -40.50 -23.09 25.23
N GLN B 513 -39.68 -22.26 25.86
CA GLN B 513 -39.80 -20.81 25.70
C GLN B 513 -39.16 -20.31 24.41
N LEU B 514 -38.19 -21.04 23.85
CA LEU B 514 -37.36 -20.52 22.78
C LEU B 514 -38.19 -20.07 21.58
N LYS B 515 -38.95 -20.99 20.99
CA LYS B 515 -39.67 -20.66 19.75
C LYS B 515 -40.72 -19.58 19.93
N PRO B 516 -41.62 -19.63 20.93
CA PRO B 516 -42.61 -18.54 21.04
C PRO B 516 -41.99 -17.21 21.44
N VAL B 517 -40.92 -17.21 22.25
CA VAL B 517 -40.32 -15.94 22.68
C VAL B 517 -39.57 -15.29 21.52
N LEU B 518 -38.79 -16.07 20.78
CA LEU B 518 -38.02 -15.51 19.66
C LEU B 518 -38.94 -15.01 18.55
N GLU B 519 -40.00 -15.75 18.25
CA GLU B 519 -40.95 -15.30 17.24
C GLU B 519 -41.64 -14.00 17.66
N GLU B 520 -42.03 -13.91 18.93
CA GLU B 520 -42.71 -12.70 19.41
C GLU B 520 -41.74 -11.52 19.48
N ALA B 521 -40.51 -11.76 19.93
CA ALA B 521 -39.54 -10.68 20.04
C ALA B 521 -39.17 -10.11 18.68
N MET B 522 -39.05 -10.97 17.67
CA MET B 522 -38.68 -10.50 16.34
C MET B 522 -39.79 -9.71 15.67
N ALA B 523 -41.03 -9.83 16.14
CA ALA B 523 -42.16 -9.08 15.60
C ALA B 523 -42.42 -7.79 16.35
N GLN B 524 -41.63 -7.47 17.37
CA GLN B 524 -41.87 -6.26 18.15
C GLN B 524 -41.55 -5.02 17.32
N PRO B 525 -42.37 -3.97 17.39
CA PRO B 525 -42.06 -2.74 16.66
C PRO B 525 -40.80 -2.06 17.16
N LYS B 526 -40.44 -2.22 18.43
CA LYS B 526 -39.22 -1.75 19.05
C LYS B 526 -38.24 -2.89 19.21
N PRO B 527 -36.94 -2.60 19.23
CA PRO B 527 -35.94 -3.68 19.40
C PRO B 527 -36.13 -4.40 20.73
N ALA B 528 -36.21 -5.73 20.65
CA ALA B 528 -36.39 -6.56 21.83
C ALA B 528 -35.07 -7.24 22.20
N ILE B 529 -34.94 -7.58 23.48
CA ILE B 529 -33.75 -8.25 24.00
C ILE B 529 -34.17 -9.60 24.56
N VAL B 530 -33.62 -10.68 24.01
CA VAL B 530 -33.87 -12.04 24.46
C VAL B 530 -32.63 -12.50 25.20
N ASN B 531 -32.76 -12.70 26.51
CA ASN B 531 -31.66 -13.16 27.36
C ASN B 531 -31.87 -14.64 27.63
N ILE B 532 -31.03 -15.47 27.04
CA ILE B 532 -31.16 -16.92 27.10
C ILE B 532 -30.04 -17.47 27.97
N MET B 533 -30.42 -18.16 29.04
CA MET B 533 -29.46 -18.79 29.94
C MET B 533 -29.08 -20.17 29.41
N ILE B 534 -27.77 -20.47 29.46
CA ILE B 534 -27.26 -21.77 29.06
C ILE B 534 -26.29 -22.27 30.13
N SER B 535 -26.03 -23.57 30.10
CA SER B 535 -25.09 -24.17 31.03
C SER B 535 -23.68 -23.65 30.77
N ASN B 536 -22.92 -23.44 31.85
CA ASN B 536 -21.53 -23.03 31.74
C ASN B 536 -20.61 -24.20 31.39
N LYS B 537 -21.18 -25.36 31.05
CA LYS B 537 -20.40 -26.50 30.60
C LYS B 537 -20.69 -26.89 29.16
N SER B 538 -21.67 -26.27 28.51
CA SER B 538 -21.93 -26.54 27.10
C SER B 538 -20.78 -26.00 26.25
N GLY B 539 -20.47 -26.73 25.18
CA GLY B 539 -19.37 -26.36 24.31
C GLY B 539 -19.61 -26.84 22.89
N ARG B 540 -18.67 -26.50 22.01
CA ARG B 540 -18.78 -26.86 20.61
C ARG B 540 -18.50 -28.34 20.41
N LYS B 541 -18.68 -28.80 19.17
CA LYS B 541 -18.35 -30.17 18.83
C LYS B 541 -16.86 -30.40 19.05
N PRO B 542 -16.46 -31.47 19.75
CA PRO B 542 -15.03 -31.70 19.99
C PRO B 542 -14.28 -31.88 18.68
N GLN B 543 -13.03 -31.39 18.68
CA GLN B 543 -12.19 -31.40 17.49
C GLN B 543 -10.81 -31.93 17.85
N GLU B 544 -10.10 -32.44 16.84
CA GLU B 544 -8.73 -32.89 17.03
C GLU B 544 -7.81 -31.72 17.34
N PHE B 545 -8.06 -30.56 16.72
CA PHE B 545 -7.24 -29.38 16.90
C PHE B 545 -8.10 -28.22 17.40
N GLY B 546 -7.53 -27.40 18.28
CA GLY B 546 -8.15 -26.14 18.62
C GLY B 546 -7.99 -25.11 17.51
N TRP B 547 -8.84 -24.09 17.55
CA TRP B 547 -8.82 -23.09 16.49
C TRP B 547 -7.61 -22.18 16.57
N LEU B 548 -7.02 -22.01 17.75
CA LEU B 548 -5.86 -21.14 17.93
C LEU B 548 -4.60 -21.97 17.73
N THR B 549 -3.99 -21.86 16.55
CA THR B 549 -2.79 -22.61 16.23
C THR B 549 -1.59 -22.10 17.01
N1' TPP C . 20.21 19.41 1.19
C2' TPP C . 19.64 18.36 0.57
CM2 TPP C . 19.77 17.02 1.22
N3' TPP C . 18.95 18.41 -0.57
C4' TPP C . 18.82 19.61 -1.17
N4' TPP C . 18.14 19.65 -2.32
C5' TPP C . 19.38 20.78 -0.60
C6' TPP C . 20.06 20.60 0.59
C7' TPP C . 19.25 22.15 -1.23
N3 TPP C . 19.94 22.26 -2.55
C2 TPP C . 19.34 22.14 -3.72
S1 TPP C . 20.42 22.32 -5.00
C5 TPP C . 21.72 22.58 -3.92
C4 TPP C . 21.31 22.51 -2.63
CM4 TPP C . 22.13 22.68 -1.40
C6 TPP C . 23.12 22.81 -4.44
C7 TPP C . 23.15 23.67 -5.68
O7 TPP C . 24.53 23.94 -6.01
PA TPP C . 25.38 23.12 -7.04
O1A TPP C . 26.81 23.47 -6.86
O2A TPP C . 25.07 21.63 -6.84
O3A TPP C . 24.77 23.56 -8.44
PB TPP C . 24.68 24.83 -9.38
O1B TPP C . 25.14 24.51 -10.77
O2B TPP C . 25.52 25.89 -8.69
O3B TPP C . 23.22 25.25 -9.30
C8 FYN D . 14.55 21.32 -23.52
N9 FYN D . 14.57 22.62 -23.84
C4 FYN D . 15.35 22.80 -24.91
C5 FYN D . 15.84 21.56 -25.28
N7 FYN D . 15.33 20.65 -24.42
N3 FYN D . 15.70 23.90 -25.62
C2 FYN D . 16.51 23.78 -26.68
N1 FYN D . 17.00 22.59 -27.05
C6 FYN D . 16.68 21.46 -26.38
N6 FYN D . 17.17 20.27 -26.77
C1' FYN D . 13.87 23.73 -23.13
C2' FYN D . 12.48 23.35 -22.66
O2' FYN D . 11.51 23.59 -23.69
C3' FYN D . 12.29 24.32 -21.51
O3' FYN D . 11.91 25.59 -22.03
C4' FYN D . 13.68 24.49 -20.93
O4' FYN D . 14.59 24.08 -21.95
C5' FYN D . 13.89 23.64 -19.68
O5' FYN D . 13.71 22.25 -19.97
P1 FYN D . 13.05 21.28 -18.87
O11 FYN D . 14.07 20.97 -17.80
O12 FYN D . 12.60 20.01 -19.56
O6 FYN D . 11.76 22.04 -18.27
P2 FYN D . 11.56 22.39 -16.70
O21 FYN D . 12.89 22.66 -16.05
O22 FYN D . 10.67 23.60 -16.59
O7 FYN D . 10.86 21.14 -15.97
CPB FYN D . 10.32 21.29 -14.66
CPA FYN D . 10.81 20.14 -13.79
CP7 FYN D . 12.34 20.16 -13.81
CP9 FYN D . 10.32 18.83 -14.40
CP8 FYN D . 10.29 20.29 -12.37
OP3 FYN D . 12.79 21.51 -13.74
CP6 FYN D . 12.95 19.39 -12.66
OP2 FYN D . 12.78 18.19 -12.53
NP2 FYN D . 13.71 20.09 -11.83
CP5 FYN D . 14.38 19.48 -10.69
CP4 FYN D . 14.48 20.44 -9.51
CP3 FYN D . 15.38 19.85 -8.44
OP1 FYN D . 15.14 18.76 -7.96
NP1 FYN D . 16.42 20.59 -8.07
CP2 FYN D . 17.35 20.12 -7.06
CP1 FYN D . 16.91 20.53 -5.65
S FYN D . 16.59 22.27 -5.61
P3 FYN D . 10.39 26.11 -21.96
O31 FYN D . 10.31 27.46 -22.63
O32 FYN D . 9.50 25.12 -22.69
O33 FYN D . 9.98 26.22 -20.52
CM1 FYN D . 16.02 22.76 -4.01
CA CA E . 27.38 25.51 -7.63
PB ADP F . 8.63 10.68 -12.84
O1B ADP F . 9.38 11.26 -11.67
O2B ADP F . 9.52 10.12 -13.92
O3B ADP F . 7.49 11.53 -13.35
PA ADP F . 7.29 9.34 -10.76
O1A ADP F . 8.31 8.73 -9.84
O2A ADP F . 6.68 10.69 -10.42
O3A ADP F . 7.90 9.38 -12.24
O5' ADP F . 6.09 8.29 -10.95
C5' ADP F . 6.39 6.90 -11.10
C4' ADP F . 5.11 6.10 -10.97
O4' ADP F . 5.24 4.84 -11.65
C3' ADP F . 4.78 5.80 -9.52
O3' ADP F . 3.57 6.49 -9.16
C2' ADP F . 4.57 4.31 -9.44
O2' ADP F . 3.33 4.02 -8.78
C1' ADP F . 4.51 3.86 -10.90
N9 ADP F . 5.07 2.50 -11.09
C8 ADP F . 6.04 1.92 -10.37
N7 ADP F . 6.28 0.66 -10.82
C5 ADP F . 5.45 0.43 -11.86
C6 ADP F . 5.18 -0.69 -12.79
N6 ADP F . 5.87 -1.86 -12.71
N1 ADP F . 4.22 -0.51 -13.72
C2 ADP F . 3.53 0.64 -13.82
N3 ADP F . 3.72 1.69 -13.00
C4 ADP F . 4.65 1.65 -12.03
C1 EDO G . 25.93 -3.93 22.16
O1 EDO G . 24.96 -4.72 22.86
C2 EDO G . 25.66 -4.00 20.66
O2 EDO G . 25.22 -2.72 20.18
C1 EDO H . 9.03 3.47 -10.14
O1 EDO H . 9.28 2.54 -9.06
C2 EDO H . 10.05 4.59 -10.10
O2 EDO H . 11.26 4.19 -10.75
C1 PEG I . 7.30 -5.97 -12.54
O1 PEG I . 6.79 -7.29 -12.47
C2 PEG I . 8.80 -5.94 -12.48
O2 PEG I . 9.33 -6.44 -13.70
C3 PEG I . 10.66 -6.92 -13.57
C4 PEG I . 10.84 -8.14 -14.42
O4 PEG I . 9.68 -8.97 -14.37
C1 EDO J . 24.84 9.31 -23.77
O1 EDO J . 24.55 10.65 -23.34
C2 EDO J . 24.78 8.37 -22.58
O2 EDO J . 23.43 8.28 -22.10
C1 EDO K . 33.80 30.92 -10.25
O1 EDO K . 34.33 30.70 -11.56
C2 EDO K . 32.69 31.98 -10.32
O2 EDO K . 33.22 33.19 -10.87
N1' TPP L . -11.59 -7.54 24.54
C2' TPP L . -11.69 -7.34 23.21
CM2 TPP L . -11.80 -5.93 22.74
N3' TPP L . -11.69 -8.30 22.29
C4' TPP L . -11.58 -9.58 22.71
N4' TPP L . -11.59 -10.53 21.77
C5' TPP L . -11.49 -9.89 24.10
C6' TPP L . -11.48 -8.81 24.95
C7' TPP L . -11.37 -11.31 24.62
N3 TPP L . -12.61 -12.09 24.45
C2 TPP L . -12.84 -12.94 23.47
S1 TPP L . -14.34 -13.67 23.58
C5 TPP L . -14.71 -12.78 25.02
C4 TPP L . -13.67 -11.98 25.35
CM4 TPP L . -13.59 -11.06 26.52
C6 TPP L . -16.03 -12.96 25.71
C7 TPP L . -16.52 -14.38 25.68
O7 TPP L . -17.79 -14.44 26.37
PA TPP L . -19.19 -14.43 25.65
O1A TPP L . -20.25 -14.26 26.67
O2A TPP L . -19.18 -13.38 24.55
O3A TPP L . -19.22 -15.83 24.92
PB TPP L . -19.39 -17.38 25.26
O1B TPP L . -20.66 -17.91 24.72
O2B TPP L . -19.26 -17.47 26.77
O3B TPP L . -18.15 -18.03 24.63
C8 FYN M . -18.97 -27.38 10.51
N9 FYN M . -18.86 -28.45 11.32
C4 FYN M . -20.01 -29.12 11.29
C5 FYN M . -20.87 -28.45 10.44
N7 FYN M . -20.20 -27.38 9.96
N3 FYN M . -20.43 -30.24 11.92
C2 FYN M . -21.67 -30.72 11.70
N1 FYN M . -22.51 -30.09 10.87
C6 FYN M . -22.14 -28.96 10.23
N6 FYN M . -23.00 -28.34 9.40
C1' FYN M . -17.68 -28.83 12.13
C2' FYN M . -16.35 -28.61 11.42
O2' FYN M . -16.00 -29.74 10.63
C3' FYN M . -15.41 -28.44 12.58
O3' FYN M . -15.02 -29.71 13.09
C4' FYN M . -16.26 -27.78 13.67
O4' FYN M . -17.62 -28.03 13.32
C5' FYN M . -16.02 -26.27 13.76
O5' FYN M . -16.34 -25.64 12.51
P1 FYN M . -15.48 -24.37 12.03
O11 FYN M . -15.85 -23.17 12.87
O12 FYN M . -15.80 -24.10 10.57
O6 FYN M . -13.92 -24.75 12.17
P2 FYN M . -12.88 -23.95 13.11
O21 FYN M . -13.58 -23.36 14.31
O22 FYN M . -11.80 -24.90 13.56
O7 FYN M . -12.22 -22.76 12.26
CPB FYN M . -11.08 -22.05 12.77
CPA FYN M . -11.33 -20.56 12.63
CP7 FYN M . -12.56 -20.22 13.49
CP9 FYN M . -11.63 -20.24 11.17
CP8 FYN M . -10.12 -19.78 13.12
OP3 FYN M . -12.49 -20.95 14.72
CP6 FYN M . -12.67 -18.75 13.81
OP2 FYN M . -12.69 -17.89 12.94
NP2 FYN M . -12.78 -18.46 15.10
CP5 FYN M . -12.90 -17.10 15.57
CP4 FYN M . -11.93 -16.79 16.70
CP3 FYN M . -12.33 -15.52 17.38
OP1 FYN M . -12.15 -14.44 16.84
NP1 FYN M . -12.88 -15.63 18.59
CP2 FYN M . -13.31 -14.47 19.34
CP1 FYN M . -12.17 -13.86 20.15
S FYN M . -11.49 -15.06 21.24
P3 FYN M . -13.67 -30.45 12.63
O31 FYN M . -13.70 -31.87 13.13
O32 FYN M . -13.60 -30.45 11.11
O33 FYN M . -12.48 -29.72 13.20
CM1 FYN M . -10.08 -14.41 22.07
CA CA N . -20.55 -16.09 27.91
PB ADP O . -11.24 -14.21 5.46
O1B ADP O . -12.67 -14.15 4.96
O2B ADP O . -11.05 -13.54 6.80
O3B ADP O . -10.56 -15.55 5.32
PA ADP O . -9.33 -12.21 4.92
O1A ADP O . -10.03 -10.97 5.43
O2A ADP O . -8.31 -12.90 5.80
O3A ADP O . -10.43 -13.28 4.43
O5' ADP O . -8.61 -11.85 3.54
C5' ADP O . -9.27 -10.99 2.61
C4' ADP O . -8.31 -10.65 1.49
O4' ADP O . -9.05 -10.23 0.34
C3' ADP O . -7.38 -9.49 1.87
O3' ADP O . -6.04 -9.96 1.86
C2' ADP O . -7.57 -8.44 0.80
O2' ADP O . -6.30 -7.98 0.33
C1' ADP O . -8.33 -9.17 -0.30
N9 ADP O . -9.24 -8.28 -1.06
C8 ADP O . -9.86 -7.17 -0.60
N7 ADP O . -10.61 -6.61 -1.58
C5 ADP O . -10.46 -7.35 -2.70
C6 ADP O . -10.95 -7.33 -4.09
N6 ADP O . -11.80 -6.35 -4.52
N1 ADP O . -10.54 -8.30 -4.94
C2 ADP O . -9.71 -9.28 -4.53
N3 ADP O . -9.22 -9.36 -3.28
C4 ADP O . -9.54 -8.45 -2.34
C1 EDO P . 7.44 -18.49 3.77
O1 EDO P . 8.62 -17.72 3.97
C2 EDO P . 6.81 -18.13 2.43
O2 EDO P . 7.68 -18.49 1.36
C1 EDO Q . -11.72 24.12 21.67
O1 EDO Q . -11.93 23.31 20.50
C2 EDO Q . -11.13 25.46 21.25
O2 EDO Q . -9.85 25.25 20.63
C1 EDO R . -17.55 -22.40 8.09
O1 EDO R . -18.28 -22.30 6.86
C2 EDO R . -16.70 -21.15 8.27
O2 EDO R . -15.69 -21.40 9.26
C1 EDO S . -26.18 -21.71 34.24
O1 EDO S . -26.16 -20.36 33.77
C2 EDO S . -24.75 -22.24 34.27
O2 EDO S . -23.84 -21.14 34.16
#